data_5GLO
#
_entry.id   5GLO
#
_cell.length_a   74.764
_cell.length_b   61.385
_cell.length_c   79.239
_cell.angle_alpha   90.00
_cell.angle_beta   95.41
_cell.angle_gamma   90.00
#
_symmetry.space_group_name_H-M   'P 1 21 1'
#
loop_
_entity.id
_entity.type
_entity.pdbx_description
1 polymer 'Glycoside hydrolase family 43'
2 non-polymer 'SODIUM ION'
3 non-polymer beta-L-arabinofuranose
4 non-polymer alpha-L-arabinopyranose
5 non-polymer 'ACETATE ION'
6 water water
#
_entity_poly.entity_id   1
_entity_poly.type   'polypeptide(L)'
_entity_poly.pdbx_seq_one_letter_code
;MGSSHHHHHHSSGLVPRGSHMEPLVTHIYTADPSAHVFDGKVYIYPSHDIDAGTPENDMGDHFDMRDYHVLSMNSIPGEV
TDHGVALDIKDIPWAGRQLWAPDAASKDGKYYLYFPAKDKEDIFRIGVAVSDSPAGPFKPESEPIKGSYSIDPAVFKDDD
GKYYMYFGGIWGGQLQRWTTGEYAGHDASKTDLEQDDAPAIGPRIALMSDDMLSFAEPVKEISIVDEQGNPILGGDHDRR
FFEAAWMHKYNGTYYLSYSTGDTHYIVYATGDNPYGPFTYRGVILNPVIGWTNHHSIVEFNGKWYLFYHDSSLSGGKTHL
RCIKVTELTHNADGTIETISPYIE
;
_entity_poly.pdbx_strand_id   A,B
#
loop_
_chem_comp.id
_chem_comp.type
_chem_comp.name
_chem_comp.formula
ACT non-polymer 'ACETATE ION' 'C2 H3 O2 -1'
ARA L-saccharide, alpha linking alpha-L-arabinopyranose 'C5 H10 O5'
FUB L-saccharide, beta linking beta-L-arabinofuranose 'C5 H10 O5'
NA non-polymer 'SODIUM ION' 'Na 1'
#
# COMPACT_ATOMS: atom_id res chain seq x y z
N VAL A 15 2.17 -6.32 -31.03
CA VAL A 15 0.97 -5.47 -30.73
C VAL A 15 1.34 -4.36 -29.72
N PRO A 16 0.52 -3.28 -29.66
CA PRO A 16 0.80 -2.23 -28.65
C PRO A 16 0.49 -2.65 -27.20
N ARG A 17 1.36 -2.24 -26.27
CA ARG A 17 1.33 -2.63 -24.86
C ARG A 17 1.56 -1.41 -23.97
N GLY A 18 1.20 -1.55 -22.69
CA GLY A 18 1.26 -0.47 -21.69
C GLY A 18 0.07 0.47 -21.61
N SER A 19 -1.11 -0.01 -22.03
CA SER A 19 -2.33 0.80 -22.07
C SER A 19 -3.09 0.87 -20.74
N HIS A 20 -3.23 -0.27 -20.05
CA HIS A 20 -4.07 -0.35 -18.82
C HIS A 20 -3.36 -1.15 -17.72
N MET A 21 -2.10 -0.79 -17.44
CA MET A 21 -1.27 -1.49 -16.44
C MET A 21 -1.14 -3.01 -16.69
N GLU A 22 -1.18 -3.42 -17.95
CA GLU A 22 -0.99 -4.83 -18.31
C GLU A 22 0.52 -5.11 -18.38
N PRO A 23 0.93 -6.38 -18.27
CA PRO A 23 2.35 -6.69 -18.45
C PRO A 23 2.85 -6.20 -19.81
N LEU A 24 4.00 -5.54 -19.83
CA LEU A 24 4.58 -5.01 -21.06
C LEU A 24 5.12 -6.11 -21.95
N VAL A 25 5.66 -7.17 -21.35
CA VAL A 25 6.06 -8.37 -22.09
C VAL A 25 5.62 -9.62 -21.33
N THR A 26 5.33 -10.69 -22.07
CA THR A 26 4.91 -11.97 -21.48
C THR A 26 5.74 -13.19 -21.91
N HIS A 27 6.53 -13.07 -22.98
CA HIS A 27 7.34 -14.18 -23.49
C HIS A 27 8.55 -14.50 -22.60
N ILE A 28 9.01 -13.52 -21.82
CA ILE A 28 9.99 -13.75 -20.75
C ILE A 28 9.50 -13.03 -19.51
N TYR A 29 9.99 -13.43 -18.34
CA TYR A 29 9.72 -12.72 -17.10
C TYR A 29 10.73 -11.58 -16.95
N THR A 30 10.25 -10.44 -16.51
CA THR A 30 11.06 -9.22 -16.43
C THR A 30 10.82 -8.51 -15.11
N ALA A 31 11.87 -7.88 -14.58
CA ALA A 31 11.78 -7.18 -13.30
C ALA A 31 12.69 -5.97 -13.31
N ASP A 32 12.49 -5.12 -12.33
CA ASP A 32 13.41 -4.04 -12.01
C ASP A 32 13.63 -3.13 -13.20
N PRO A 33 12.54 -2.52 -13.72
CA PRO A 33 12.71 -1.72 -14.94
C PRO A 33 13.40 -0.37 -14.72
N SER A 34 14.57 -0.17 -15.35
CA SER A 34 15.23 1.13 -15.42
C SER A 34 15.04 1.72 -16.81
N ALA A 35 14.22 2.76 -16.92
CA ALA A 35 13.84 3.30 -18.22
C ALA A 35 14.60 4.60 -18.51
N HIS A 36 15.04 4.72 -19.77
CA HIS A 36 15.73 5.91 -20.29
C HIS A 36 15.20 6.28 -21.65
N VAL A 37 15.30 7.56 -21.98
CA VAL A 37 15.01 8.05 -23.31
C VAL A 37 16.35 8.25 -24.04
N PHE A 38 16.61 7.40 -25.03
CA PHE A 38 17.78 7.50 -25.90
C PHE A 38 17.29 7.46 -27.35
N ASP A 39 17.82 8.34 -28.20
CA ASP A 39 17.44 8.39 -29.63
C ASP A 39 15.93 8.46 -29.84
N GLY A 40 15.27 9.24 -28.99
CA GLY A 40 13.82 9.42 -29.04
C GLY A 40 12.98 8.18 -28.76
N LYS A 41 13.57 7.12 -28.21
CA LYS A 41 12.87 5.90 -27.84
C LYS A 41 12.99 5.71 -26.36
N VAL A 42 12.08 4.95 -25.77
CA VAL A 42 12.25 4.49 -24.39
C VAL A 42 13.01 3.16 -24.43
N TYR A 43 14.18 3.13 -23.81
CA TYR A 43 14.92 1.89 -23.61
C TYR A 43 14.76 1.49 -22.16
N ILE A 44 14.48 0.22 -21.92
CA ILE A 44 14.27 -0.30 -20.58
C ILE A 44 15.32 -1.36 -20.33
N TYR A 45 15.96 -1.26 -19.17
CA TYR A 45 17.02 -2.17 -18.75
C TYR A 45 16.53 -2.89 -17.51
N PRO A 46 15.86 -4.05 -17.69
CA PRO A 46 15.34 -4.81 -16.57
C PRO A 46 16.18 -6.04 -16.25
N SER A 47 15.90 -6.63 -15.10
CA SER A 47 16.37 -7.98 -14.81
C SER A 47 15.58 -8.97 -15.66
N HIS A 48 16.24 -10.06 -16.07
CA HIS A 48 15.57 -11.14 -16.79
C HIS A 48 15.37 -12.29 -15.82
N ASP A 49 14.15 -12.40 -15.29
CA ASP A 49 13.81 -13.42 -14.32
C ASP A 49 13.72 -14.80 -14.99
N ILE A 50 14.24 -15.81 -14.30
CA ILE A 50 14.15 -17.20 -14.77
C ILE A 50 13.77 -18.09 -13.61
N ASP A 51 13.12 -19.21 -13.92
CA ASP A 51 12.63 -20.12 -12.89
C ASP A 51 13.74 -21.11 -12.51
N ALA A 52 14.72 -20.59 -11.78
CA ALA A 52 15.87 -21.40 -11.38
C ALA A 52 15.47 -22.44 -10.33
N GLY A 53 14.42 -22.18 -9.57
CA GLY A 53 13.95 -23.11 -8.52
C GLY A 53 14.94 -23.26 -7.37
N THR A 54 15.74 -22.23 -7.15
CA THR A 54 16.77 -22.21 -6.09
C THR A 54 16.05 -21.89 -4.78
N PRO A 55 16.64 -22.24 -3.61
CA PRO A 55 15.95 -21.94 -2.34
C PRO A 55 15.57 -20.47 -2.13
N GLU A 56 14.31 -20.24 -1.75
CA GLU A 56 13.82 -18.90 -1.43
C GLU A 56 14.16 -18.57 0.03
N ASN A 57 14.78 -17.41 0.25
CA ASN A 57 15.17 -16.97 1.58
C ASN A 57 15.38 -15.46 1.60
N ASP A 58 15.62 -14.93 2.79
CA ASP A 58 15.82 -13.48 2.95
C ASP A 58 17.20 -12.97 2.49
N MET A 59 18.04 -13.84 1.92
CA MET A 59 19.27 -13.41 1.26
C MET A 59 19.14 -13.33 -0.27
N GLY A 60 17.97 -13.67 -0.79
CA GLY A 60 17.66 -13.49 -2.21
C GLY A 60 18.20 -14.57 -3.12
N ASP A 61 18.49 -15.77 -2.58
CA ASP A 61 19.05 -16.85 -3.39
C ASP A 61 18.09 -17.34 -4.48
N HIS A 62 16.80 -17.11 -4.29
CA HIS A 62 15.78 -17.35 -5.32
C HIS A 62 15.89 -16.48 -6.60
N PHE A 63 16.61 -15.35 -6.54
CA PHE A 63 16.91 -14.51 -7.70
C PHE A 63 18.27 -14.92 -8.28
N ASP A 64 18.24 -15.83 -9.25
CA ASP A 64 19.46 -16.42 -9.82
C ASP A 64 19.56 -16.13 -11.31
N MET A 65 19.31 -14.87 -11.66
CA MET A 65 19.31 -14.42 -13.05
C MET A 65 20.71 -14.50 -13.65
N ARG A 66 20.76 -14.73 -14.96
CA ARG A 66 21.99 -15.05 -15.69
C ARG A 66 22.29 -14.20 -16.90
N ASP A 67 21.34 -13.37 -17.36
CA ASP A 67 21.58 -12.48 -18.48
C ASP A 67 20.67 -11.27 -18.44
N TYR A 68 20.92 -10.34 -19.35
CA TYR A 68 20.08 -9.15 -19.54
C TYR A 68 19.60 -9.06 -20.97
N HIS A 69 18.30 -8.75 -21.14
CA HIS A 69 17.73 -8.33 -22.43
C HIS A 69 17.40 -6.85 -22.34
N VAL A 70 17.74 -6.08 -23.36
CA VAL A 70 17.29 -4.68 -23.45
C VAL A 70 15.94 -4.66 -24.16
N LEU A 71 15.00 -3.86 -23.65
CA LEU A 71 13.69 -3.64 -24.26
C LEU A 71 13.60 -2.21 -24.77
N SER A 72 12.82 -1.98 -25.82
CA SER A 72 12.54 -0.62 -26.26
C SER A 72 11.12 -0.41 -26.75
N MET A 73 10.66 0.84 -26.63
CA MET A 73 9.35 1.27 -27.09
C MET A 73 9.55 2.58 -27.81
N ASN A 74 8.86 2.74 -28.94
CA ASN A 74 8.84 4.02 -29.67
C ASN A 74 7.73 4.95 -29.16
N SER A 75 6.72 4.36 -28.51
CA SER A 75 5.65 5.12 -27.86
C SER A 75 5.12 4.36 -26.64
N ILE A 76 4.43 5.08 -25.75
CA ILE A 76 3.68 4.47 -24.64
C ILE A 76 2.21 4.91 -24.74
N PRO A 77 1.26 4.00 -24.94
CA PRO A 77 1.50 2.57 -25.18
C PRO A 77 2.18 2.31 -26.52
N GLY A 78 2.78 1.14 -26.66
CA GLY A 78 3.43 0.79 -27.91
C GLY A 78 4.01 -0.61 -27.93
N GLU A 79 4.36 -1.06 -29.12
CA GLU A 79 5.04 -2.34 -29.31
C GLU A 79 6.36 -2.34 -28.52
N VAL A 80 6.63 -3.44 -27.81
CA VAL A 80 7.86 -3.57 -27.04
C VAL A 80 8.82 -4.47 -27.80
N THR A 81 10.00 -3.97 -28.14
CA THR A 81 11.01 -4.77 -28.83
C THR A 81 11.97 -5.38 -27.81
N ASP A 82 12.17 -6.69 -27.91
CA ASP A 82 13.18 -7.42 -27.13
C ASP A 82 14.40 -7.56 -28.04
N HIS A 83 15.50 -6.91 -27.67
CA HIS A 83 16.71 -6.93 -28.50
C HIS A 83 17.62 -8.16 -28.34
N GLY A 84 17.16 -9.18 -27.62
CA GLY A 84 17.92 -10.43 -27.45
C GLY A 84 18.79 -10.36 -26.21
N VAL A 85 19.83 -11.18 -26.12
CA VAL A 85 20.71 -11.16 -24.95
C VAL A 85 21.78 -10.09 -25.14
N ALA A 86 21.74 -9.07 -24.29
CA ALA A 86 22.68 -7.96 -24.35
C ALA A 86 23.96 -8.26 -23.58
N LEU A 87 23.86 -9.09 -22.54
CA LEU A 87 25.02 -9.51 -21.75
C LEU A 87 24.69 -10.80 -21.06
N ASP A 88 25.65 -11.73 -21.05
CA ASP A 88 25.47 -13.06 -20.45
C ASP A 88 26.52 -13.22 -19.38
N ILE A 89 26.11 -13.72 -18.21
CA ILE A 89 27.05 -13.93 -17.07
C ILE A 89 28.26 -14.78 -17.45
N LYS A 90 28.09 -15.72 -18.39
CA LYS A 90 29.21 -16.55 -18.85
C LYS A 90 30.39 -15.79 -19.49
N ASP A 91 30.12 -14.56 -19.95
CA ASP A 91 31.11 -13.70 -20.57
C ASP A 91 31.65 -12.57 -19.69
N ILE A 92 31.21 -12.52 -18.44
CA ILE A 92 31.68 -11.52 -17.47
C ILE A 92 32.80 -12.20 -16.69
N PRO A 93 34.08 -11.85 -16.96
CA PRO A 93 35.21 -12.60 -16.36
C PRO A 93 35.23 -12.67 -14.83
N TRP A 94 34.88 -11.56 -14.17
CA TRP A 94 34.90 -11.47 -12.71
C TRP A 94 33.70 -12.06 -11.99
N ALA A 95 32.59 -12.28 -12.70
CA ALA A 95 31.33 -12.63 -12.04
C ALA A 95 31.24 -14.12 -11.68
N GLY A 96 30.67 -14.39 -10.51
CA GLY A 96 30.37 -15.75 -10.04
C GLY A 96 28.92 -16.13 -10.26
N ARG A 97 28.01 -15.32 -9.71
CA ARG A 97 26.58 -15.59 -9.83
C ARG A 97 25.74 -14.32 -9.66
N GLN A 98 24.49 -14.42 -10.11
CA GLN A 98 23.41 -13.48 -9.80
C GLN A 98 23.53 -12.09 -10.44
N LEU A 99 22.97 -11.98 -11.64
CA LEU A 99 22.88 -10.71 -12.35
C LEU A 99 21.61 -9.99 -11.94
N TRP A 100 21.75 -9.03 -11.02
CA TRP A 100 20.60 -8.33 -10.45
C TRP A 100 20.36 -7.00 -11.20
N ALA A 101 19.53 -6.11 -10.65
CA ALA A 101 18.99 -4.96 -11.40
C ALA A 101 20.05 -4.07 -12.04
N PRO A 102 20.03 -3.93 -13.38
CA PRO A 102 21.02 -3.12 -14.08
C PRO A 102 20.51 -1.71 -14.39
N ASP A 103 21.40 -0.84 -14.86
CA ASP A 103 21.02 0.46 -15.40
C ASP A 103 21.93 0.84 -16.56
N ALA A 104 21.56 1.87 -17.32
CA ALA A 104 22.33 2.30 -18.50
C ALA A 104 22.56 3.80 -18.51
N ALA A 105 23.64 4.20 -19.18
CA ALA A 105 23.93 5.62 -19.43
C ALA A 105 24.52 5.79 -20.81
N SER A 106 24.38 7.01 -21.33
CA SER A 106 24.84 7.40 -22.63
C SER A 106 25.80 8.56 -22.47
N LYS A 107 26.99 8.46 -23.07
CA LYS A 107 27.93 9.57 -23.11
C LYS A 107 28.81 9.51 -24.36
N ASP A 108 28.83 10.62 -25.11
CA ASP A 108 29.72 10.81 -26.29
C ASP A 108 29.64 9.64 -27.28
N GLY A 109 28.41 9.24 -27.61
CA GLY A 109 28.17 8.16 -28.55
C GLY A 109 28.43 6.73 -28.06
N LYS A 110 28.75 6.55 -26.78
CA LYS A 110 28.92 5.22 -26.21
C LYS A 110 27.82 4.97 -25.19
N TYR A 111 27.50 3.70 -24.99
CA TYR A 111 26.47 3.31 -24.03
C TYR A 111 27.10 2.36 -23.03
N TYR A 112 26.72 2.53 -21.77
CA TYR A 112 27.33 1.85 -20.64
C TYR A 112 26.23 1.16 -19.86
N LEU A 113 26.36 -0.16 -19.71
CA LEU A 113 25.43 -0.94 -18.91
C LEU A 113 26.12 -1.21 -17.56
N TYR A 114 25.49 -0.75 -16.48
CA TYR A 114 25.99 -0.97 -15.13
C TYR A 114 25.17 -2.05 -14.50
N PHE A 115 25.85 -3.00 -13.86
CA PHE A 115 25.17 -4.17 -13.34
C PHE A 115 25.83 -4.68 -12.05
N PRO A 116 25.00 -5.08 -11.07
CA PRO A 116 25.45 -5.73 -9.86
C PRO A 116 25.53 -7.23 -10.04
N ALA A 117 26.61 -7.84 -9.56
CA ALA A 117 26.74 -9.29 -9.56
C ALA A 117 27.69 -9.71 -8.47
N LYS A 118 27.54 -10.94 -7.98
CA LYS A 118 28.48 -11.49 -7.02
C LYS A 118 29.73 -11.93 -7.73
N ASP A 119 30.88 -11.57 -7.17
CA ASP A 119 32.17 -12.01 -7.69
C ASP A 119 32.38 -13.46 -7.25
N LYS A 120 33.59 -13.99 -7.45
CA LYS A 120 33.87 -15.40 -7.16
C LYS A 120 33.95 -15.69 -5.66
N GLU A 121 34.10 -14.65 -4.84
CA GLU A 121 34.04 -14.77 -3.39
C GLU A 121 32.64 -14.49 -2.81
N ASP A 122 31.61 -14.44 -3.67
CA ASP A 122 30.23 -14.25 -3.28
C ASP A 122 29.92 -12.85 -2.71
N ILE A 123 30.67 -11.86 -3.18
CA ILE A 123 30.54 -10.47 -2.74
C ILE A 123 30.02 -9.65 -3.91
N PHE A 124 28.88 -8.97 -3.73
CA PHE A 124 28.33 -8.11 -4.77
C PHE A 124 29.27 -6.97 -5.09
N ARG A 125 29.50 -6.74 -6.38
CA ARG A 125 30.21 -5.59 -6.90
C ARG A 125 29.40 -5.07 -8.07
N ILE A 126 29.75 -3.88 -8.55
CA ILE A 126 29.07 -3.30 -9.70
C ILE A 126 30.08 -3.17 -10.84
N GLY A 127 29.74 -3.76 -11.99
CA GLY A 127 30.59 -3.72 -13.18
C GLY A 127 29.97 -2.86 -14.25
N VAL A 128 30.74 -2.58 -15.30
CA VAL A 128 30.24 -1.88 -16.46
C VAL A 128 30.54 -2.68 -17.73
N ALA A 129 29.66 -2.53 -18.72
CA ALA A 129 29.84 -3.12 -20.04
C ALA A 129 29.50 -2.05 -21.07
N VAL A 130 30.20 -2.09 -22.21
CA VAL A 130 30.22 -0.98 -23.16
C VAL A 130 29.69 -1.39 -24.52
N SER A 131 28.92 -0.51 -25.14
CA SER A 131 28.42 -0.73 -26.50
C SER A 131 28.35 0.59 -27.26
N ASP A 132 28.25 0.46 -28.58
CA ASP A 132 27.98 1.59 -29.47
C ASP A 132 26.47 1.84 -29.68
N SER A 133 25.63 0.97 -29.13
CA SER A 133 24.18 1.09 -29.31
C SER A 133 23.47 0.99 -27.96
N PRO A 134 22.37 1.75 -27.78
CA PRO A 134 21.58 1.59 -26.54
C PRO A 134 20.94 0.20 -26.37
N ALA A 135 20.74 -0.50 -27.49
CA ALA A 135 20.20 -1.86 -27.49
C ALA A 135 21.24 -2.94 -27.19
N GLY A 136 22.53 -2.57 -27.10
CA GLY A 136 23.61 -3.54 -26.90
C GLY A 136 23.88 -4.30 -28.20
N PRO A 137 24.54 -5.46 -28.14
CA PRO A 137 25.05 -6.07 -26.92
C PRO A 137 26.27 -5.32 -26.38
N PHE A 138 26.67 -5.65 -25.15
CA PHE A 138 27.69 -4.90 -24.42
C PHE A 138 28.88 -5.79 -24.09
N LYS A 139 30.09 -5.25 -24.22
CA LYS A 139 31.32 -5.93 -23.79
C LYS A 139 31.66 -5.55 -22.35
N PRO A 140 31.67 -6.53 -21.43
CA PRO A 140 31.99 -6.21 -20.04
C PRO A 140 33.48 -5.93 -19.80
N GLU A 141 33.75 -4.96 -18.94
CA GLU A 141 35.10 -4.78 -18.41
C GLU A 141 35.50 -6.02 -17.62
N SER A 142 36.77 -6.37 -17.64
CA SER A 142 37.23 -7.63 -17.02
C SER A 142 37.14 -7.65 -15.48
N GLU A 143 37.15 -6.47 -14.85
CA GLU A 143 37.00 -6.35 -13.40
C GLU A 143 35.85 -5.41 -13.07
N PRO A 144 35.25 -5.56 -11.89
CA PRO A 144 34.21 -4.60 -11.48
C PRO A 144 34.79 -3.22 -11.20
N ILE A 145 33.92 -2.23 -11.04
CA ILE A 145 34.34 -0.87 -10.73
C ILE A 145 35.09 -0.85 -9.40
N LYS A 146 36.26 -0.22 -9.38
CA LYS A 146 37.07 -0.12 -8.16
C LYS A 146 36.30 0.69 -7.14
N GLY A 147 36.18 0.17 -5.93
CA GLY A 147 35.46 0.85 -4.87
C GLY A 147 33.95 0.67 -4.87
N SER A 148 33.40 -0.09 -5.83
CA SER A 148 31.97 -0.37 -5.83
C SER A 148 31.71 -1.55 -4.90
N TYR A 149 30.45 -1.65 -4.48
CA TYR A 149 29.97 -2.71 -3.64
C TYR A 149 28.46 -2.68 -3.64
N SER A 150 27.86 -3.77 -3.14
CA SER A 150 26.41 -3.89 -3.04
C SER A 150 25.76 -3.84 -4.45
N ILE A 151 24.52 -3.36 -4.54
CA ILE A 151 23.66 -3.64 -5.70
C ILE A 151 22.97 -2.38 -6.24
N ASP A 152 22.12 -2.59 -7.25
CA ASP A 152 21.12 -1.62 -7.70
C ASP A 152 21.68 -0.25 -8.08
N PRO A 153 22.61 -0.23 -9.03
CA PRO A 153 23.09 1.06 -9.52
C PRO A 153 22.02 1.85 -10.27
N ALA A 154 22.01 3.16 -10.09
CA ALA A 154 21.23 4.06 -10.94
C ALA A 154 22.18 5.14 -11.36
N VAL A 155 22.50 5.22 -12.65
CA VAL A 155 23.45 6.22 -13.11
C VAL A 155 22.66 7.39 -13.68
N PHE A 156 22.79 8.54 -13.01
CA PHE A 156 21.96 9.71 -13.28
C PHE A 156 22.80 10.79 -13.95
N LYS A 157 22.35 11.27 -15.11
CA LYS A 157 23.01 12.38 -15.79
C LYS A 157 22.32 13.66 -15.36
N ASP A 158 23.03 14.51 -14.62
CA ASP A 158 22.48 15.80 -14.20
C ASP A 158 22.51 16.79 -15.39
N ASP A 159 21.78 17.90 -15.23
CA ASP A 159 21.64 18.95 -16.26
C ASP A 159 22.96 19.56 -16.70
N ASP A 160 23.90 19.65 -15.76
CA ASP A 160 25.24 20.17 -16.01
C ASP A 160 26.19 19.17 -16.71
N GLY A 161 25.70 17.99 -17.07
CA GLY A 161 26.51 16.99 -17.74
C GLY A 161 27.29 16.07 -16.83
N LYS A 162 27.19 16.25 -15.51
CA LYS A 162 27.86 15.36 -14.56
C LYS A 162 27.01 14.11 -14.37
N TYR A 163 27.66 12.95 -14.26
CA TYR A 163 27.00 11.66 -14.09
C TYR A 163 27.33 11.13 -12.69
N TYR A 164 26.31 10.66 -11.98
CA TYR A 164 26.45 10.13 -10.62
C TYR A 164 25.88 8.73 -10.55
N MET A 165 26.58 7.82 -9.87
CA MET A 165 25.98 6.52 -9.55
C MET A 165 25.43 6.53 -8.14
N TYR A 166 24.13 6.31 -8.04
CA TYR A 166 23.47 5.96 -6.79
C TYR A 166 23.46 4.46 -6.69
N PHE A 167 23.72 3.91 -5.50
CA PHE A 167 23.70 2.45 -5.34
C PHE A 167 23.50 1.99 -3.91
N GLY A 168 23.22 0.69 -3.79
CA GLY A 168 23.09 0.01 -2.50
C GLY A 168 21.81 -0.77 -2.35
N GLY A 169 21.90 -1.83 -1.57
CA GLY A 169 20.75 -2.56 -1.09
C GLY A 169 21.15 -3.32 0.15
N ILE A 170 20.27 -3.32 1.16
CA ILE A 170 20.55 -4.00 2.43
C ILE A 170 20.05 -5.45 2.35
N TRP A 171 20.10 -6.19 3.46
CA TRP A 171 19.79 -7.61 3.48
C TRP A 171 20.67 -8.36 2.47
N GLY A 172 20.09 -9.04 1.47
CA GLY A 172 20.86 -9.75 0.46
C GLY A 172 21.76 -8.90 -0.41
N GLY A 173 21.50 -7.60 -0.49
CA GLY A 173 22.34 -6.69 -1.24
C GLY A 173 23.65 -6.34 -0.55
N GLN A 174 23.81 -6.74 0.71
CA GLN A 174 25.09 -6.69 1.46
C GLN A 174 25.58 -5.29 1.85
N LEU A 175 24.79 -4.24 1.64
CA LEU A 175 25.24 -2.88 1.96
C LEU A 175 25.69 -2.71 3.42
N GLN A 176 24.97 -3.38 4.31
CA GLN A 176 25.24 -3.37 5.75
C GLN A 176 26.58 -3.98 6.15
N ARG A 177 27.22 -4.70 5.23
CA ARG A 177 28.53 -5.32 5.44
C ARG A 177 29.70 -4.48 4.92
N TRP A 178 29.42 -3.25 4.45
CA TRP A 178 30.45 -2.37 3.87
C TRP A 178 30.72 -1.09 4.66
N THR A 179 30.27 -1.04 5.90
CA THR A 179 30.37 0.19 6.71
C THR A 179 31.78 0.78 6.79
N THR A 180 32.81 -0.07 6.80
CA THR A 180 34.21 0.36 6.94
C THR A 180 34.94 0.60 5.61
N GLY A 181 34.27 0.35 4.47
CA GLY A 181 34.91 0.43 3.17
C GLY A 181 35.49 -0.89 2.68
N GLU A 182 35.42 -1.92 3.53
CA GLU A 182 35.82 -3.29 3.18
C GLU A 182 34.74 -4.26 3.64
N TYR A 183 34.58 -5.35 2.91
CA TYR A 183 33.56 -6.34 3.20
C TYR A 183 33.78 -6.98 4.58
N ALA A 184 32.74 -6.96 5.41
CA ALA A 184 32.83 -7.46 6.79
C ALA A 184 32.82 -8.98 6.90
N GLY A 185 32.47 -9.67 5.80
CA GLY A 185 32.50 -11.12 5.73
C GLY A 185 31.12 -11.73 5.68
N HIS A 186 31.05 -13.02 5.33
CA HIS A 186 29.77 -13.71 5.16
C HIS A 186 29.05 -14.01 6.48
N ASP A 187 29.77 -14.00 7.59
CA ASP A 187 29.13 -14.14 8.91
C ASP A 187 28.67 -12.81 9.53
N ALA A 188 28.85 -11.68 8.82
CA ALA A 188 28.35 -10.39 9.30
C ALA A 188 26.82 -10.24 9.10
N SER A 189 26.27 -9.08 9.43
CA SER A 189 24.82 -8.88 9.50
C SER A 189 24.10 -9.30 8.21
N LYS A 190 23.00 -10.04 8.38
CA LYS A 190 22.15 -10.44 7.26
C LYS A 190 21.10 -9.39 6.91
N THR A 191 21.00 -8.31 7.71
CA THR A 191 19.95 -7.32 7.55
C THR A 191 20.51 -5.90 7.44
N ASP A 192 20.79 -5.26 8.57
CA ASP A 192 21.14 -3.84 8.60
C ASP A 192 22.16 -3.60 9.72
N LEU A 193 22.24 -2.39 10.27
CA LEU A 193 23.19 -2.12 11.36
C LEU A 193 22.83 -2.82 12.67
N GLU A 194 21.58 -3.29 12.80
CA GLU A 194 21.08 -3.92 14.02
C GLU A 194 21.13 -2.92 15.20
N GLN A 195 20.85 -1.64 14.90
CA GLN A 195 20.65 -0.61 15.92
C GLN A 195 19.49 0.28 15.44
N ASP A 196 18.27 -0.15 15.78
CA ASP A 196 17.06 0.53 15.32
C ASP A 196 16.87 1.96 15.79
N ASP A 197 17.56 2.35 16.87
CA ASP A 197 17.50 3.73 17.37
C ASP A 197 18.55 4.65 16.75
N ALA A 198 19.45 4.09 15.94
CA ALA A 198 20.43 4.89 15.20
C ALA A 198 19.83 5.24 13.85
N PRO A 199 20.41 6.24 13.16
CA PRO A 199 19.97 6.51 11.78
C PRO A 199 20.06 5.27 10.90
N ALA A 200 19.10 5.10 10.00
CA ALA A 200 19.11 3.99 9.07
C ALA A 200 20.28 4.12 8.12
N ILE A 201 20.67 3.01 7.52
CA ILE A 201 21.71 3.00 6.50
C ILE A 201 21.19 3.81 5.31
N GLY A 202 22.07 4.62 4.72
CA GLY A 202 21.72 5.45 3.57
C GLY A 202 22.25 4.86 2.28
N PRO A 203 21.61 5.17 1.13
CA PRO A 203 22.19 4.76 -0.15
C PRO A 203 23.49 5.50 -0.44
N ARG A 204 24.23 4.98 -1.41
CA ARG A 204 25.56 5.46 -1.75
C ARG A 204 25.52 6.29 -3.02
N ILE A 205 26.47 7.22 -3.14
CA ILE A 205 26.62 8.04 -4.34
C ILE A 205 28.09 8.28 -4.64
N ALA A 206 28.44 8.23 -5.92
CA ALA A 206 29.74 8.71 -6.41
C ALA A 206 29.60 9.34 -7.78
N LEU A 207 30.22 10.50 -7.95
CA LEU A 207 30.46 11.08 -9.25
C LEU A 207 31.26 10.12 -10.10
N MET A 208 30.86 9.96 -11.36
CA MET A 208 31.55 9.06 -12.30
C MET A 208 32.73 9.77 -12.94
N SER A 209 33.76 8.99 -13.24
CA SER A 209 34.90 9.42 -14.05
C SER A 209 34.45 9.90 -15.43
N ASP A 210 35.27 10.72 -16.07
CA ASP A 210 34.96 11.20 -17.43
C ASP A 210 34.76 10.03 -18.40
N ASP A 211 35.52 8.96 -18.23
CA ASP A 211 35.39 7.80 -19.14
C ASP A 211 34.31 6.80 -18.73
N MET A 212 33.57 7.08 -17.65
CA MET A 212 32.40 6.30 -17.24
C MET A 212 32.71 4.89 -16.70
N LEU A 213 33.99 4.58 -16.45
CA LEU A 213 34.40 3.25 -16.02
C LEU A 213 34.80 3.15 -14.54
N SER A 214 34.87 4.29 -13.85
CA SER A 214 35.28 4.32 -12.46
C SER A 214 34.61 5.48 -11.73
N PHE A 215 34.82 5.53 -10.42
CA PHE A 215 34.34 6.63 -9.60
C PHE A 215 35.41 7.72 -9.55
N ALA A 216 34.96 8.96 -9.58
CA ALA A 216 35.82 10.15 -9.56
C ALA A 216 36.07 10.71 -8.16
N GLU A 217 35.52 10.09 -7.13
CA GLU A 217 35.66 10.53 -5.75
C GLU A 217 35.44 9.37 -4.80
N PRO A 218 35.85 9.53 -3.53
CA PRO A 218 35.44 8.54 -2.54
C PRO A 218 33.90 8.46 -2.41
N VAL A 219 33.39 7.25 -2.24
CA VAL A 219 31.95 7.01 -2.18
C VAL A 219 31.36 7.75 -0.96
N LYS A 220 30.24 8.43 -1.17
CA LYS A 220 29.52 9.13 -0.11
C LYS A 220 28.24 8.39 0.25
N GLU A 221 27.78 8.59 1.48
CA GLU A 221 26.49 8.08 1.93
C GLU A 221 25.50 9.22 2.01
N ILE A 222 24.27 8.93 1.63
CA ILE A 222 23.23 9.95 1.53
C ILE A 222 22.40 9.94 2.81
N SER A 223 22.19 11.14 3.37
CA SER A 223 21.33 11.32 4.56
C SER A 223 19.88 11.52 4.15
N ILE A 224 18.98 10.74 4.72
CA ILE A 224 17.55 10.90 4.51
C ILE A 224 16.93 11.26 5.87
N VAL A 225 16.15 12.35 5.88
CA VAL A 225 15.56 12.89 7.09
C VAL A 225 14.06 12.99 6.95
N ASP A 226 13.37 13.05 8.09
CA ASP A 226 11.92 13.31 8.10
C ASP A 226 11.64 14.81 7.93
N GLU A 227 10.35 15.18 7.99
CA GLU A 227 9.91 16.55 7.75
C GLU A 227 10.41 17.53 8.85
N GLN A 228 10.72 16.99 10.03
CA GLN A 228 11.32 17.78 11.12
C GLN A 228 12.84 17.95 11.01
N GLY A 229 13.46 17.27 10.04
CA GLY A 229 14.91 17.31 9.86
C GLY A 229 15.68 16.25 10.64
N ASN A 230 14.96 15.31 11.27
CA ASN A 230 15.60 14.24 12.02
C ASN A 230 15.87 13.03 11.13
N PRO A 231 17.01 12.33 11.36
CA PRO A 231 17.29 11.14 10.55
C PRO A 231 16.18 10.09 10.59
N ILE A 232 15.91 9.48 9.45
CA ILE A 232 15.08 8.28 9.40
C ILE A 232 15.87 7.18 10.13
N LEU A 233 15.22 6.56 11.11
CA LEU A 233 15.86 5.58 11.96
C LEU A 233 15.78 4.18 11.38
N GLY A 234 16.70 3.34 11.83
CA GLY A 234 16.77 1.93 11.43
C GLY A 234 15.49 1.14 11.69
N GLY A 235 14.78 1.46 12.77
CA GLY A 235 13.52 0.79 13.10
C GLY A 235 12.31 1.23 12.29
N ASP A 236 12.47 2.27 11.48
CA ASP A 236 11.37 2.85 10.72
C ASP A 236 11.34 2.19 9.34
N HIS A 237 10.88 0.93 9.31
CA HIS A 237 10.91 0.15 8.06
C HIS A 237 9.93 0.66 7.00
N ASP A 238 8.91 1.43 7.41
CA ASP A 238 7.99 2.04 6.44
C ASP A 238 8.65 3.10 5.56
N ARG A 239 9.69 3.76 6.08
CA ARG A 239 10.33 4.88 5.38
C ARG A 239 11.79 4.68 5.02
N ARG A 240 12.50 3.79 5.70
CA ARG A 240 13.95 3.72 5.55
C ARG A 240 14.38 3.00 4.27
N PHE A 241 15.51 3.42 3.74
CA PHE A 241 16.08 2.85 2.52
C PHE A 241 16.33 1.35 2.60
N PHE A 242 15.83 0.61 1.61
CA PHE A 242 16.15 -0.82 1.48
C PHE A 242 16.97 -1.08 0.22
N GLU A 243 16.44 -0.67 -0.93
CA GLU A 243 17.13 -0.90 -2.21
C GLU A 243 16.49 -0.05 -3.31
N ALA A 244 16.94 -0.25 -4.56
CA ALA A 244 16.29 0.35 -5.74
C ALA A 244 16.29 1.89 -5.72
N ALA A 245 17.44 2.50 -5.39
CA ALA A 245 17.58 3.95 -5.49
C ALA A 245 17.37 4.42 -6.95
N TRP A 246 16.71 5.56 -7.09
CA TRP A 246 16.51 6.19 -8.40
C TRP A 246 16.51 7.69 -8.18
N MET A 247 17.07 8.42 -9.14
CA MET A 247 17.12 9.87 -9.10
C MET A 247 16.45 10.43 -10.34
N HIS A 248 15.56 11.41 -10.14
CA HIS A 248 15.08 12.23 -11.26
C HIS A 248 14.89 13.64 -10.75
N LYS A 249 14.77 14.59 -11.66
CA LYS A 249 14.54 15.98 -11.27
C LYS A 249 13.22 16.49 -11.82
N TYR A 250 12.61 17.39 -11.06
CA TYR A 250 11.37 18.08 -11.46
C TYR A 250 11.43 19.47 -10.85
N ASN A 251 11.17 20.51 -11.63
CA ASN A 251 11.27 21.91 -11.13
C ASN A 251 12.64 22.26 -10.55
N GLY A 252 13.71 21.62 -11.04
CA GLY A 252 15.04 21.82 -10.47
C GLY A 252 15.32 21.13 -9.14
N THR A 253 14.31 20.46 -8.57
CA THR A 253 14.44 19.72 -7.32
C THR A 253 14.85 18.28 -7.63
N TYR A 254 15.68 17.72 -6.75
CA TYR A 254 16.18 16.35 -6.89
C TYR A 254 15.27 15.41 -6.11
N TYR A 255 14.87 14.32 -6.75
CA TYR A 255 13.96 13.34 -6.16
C TYR A 255 14.68 12.02 -6.01
N LEU A 256 14.97 11.64 -4.76
CA LEU A 256 15.52 10.32 -4.48
C LEU A 256 14.36 9.41 -4.18
N SER A 257 14.13 8.40 -5.02
CA SER A 257 13.09 7.43 -4.73
C SER A 257 13.73 6.06 -4.52
N TYR A 258 13.02 5.17 -3.84
CA TYR A 258 13.59 3.88 -3.44
C TYR A 258 12.55 2.94 -2.90
N SER A 259 12.91 1.65 -2.89
CA SER A 259 12.10 0.61 -2.25
C SER A 259 12.42 0.50 -0.76
N THR A 260 11.38 0.25 0.04
CA THR A 260 11.52 0.01 1.48
C THR A 260 11.58 -1.48 1.82
N GLY A 261 11.49 -2.35 0.81
CA GLY A 261 11.74 -3.78 1.01
C GLY A 261 10.68 -4.53 1.77
N ASP A 262 10.93 -4.81 3.05
CA ASP A 262 10.00 -5.61 3.86
C ASP A 262 8.64 -4.94 4.14
N THR A 263 8.51 -3.64 3.91
CA THR A 263 7.23 -2.95 3.96
C THR A 263 6.64 -2.65 2.57
N HIS A 264 7.40 -2.97 1.52
CA HIS A 264 6.89 -3.12 0.14
C HIS A 264 6.44 -1.84 -0.55
N TYR A 265 6.99 -0.69 -0.13
CA TYR A 265 6.65 0.61 -0.73
C TYR A 265 7.75 1.10 -1.67
N ILE A 266 7.35 1.86 -2.68
CA ILE A 266 8.27 2.83 -3.29
C ILE A 266 7.92 4.16 -2.65
N VAL A 267 8.93 4.82 -2.12
CA VAL A 267 8.78 6.13 -1.48
C VAL A 267 9.74 7.13 -2.11
N TYR A 268 9.56 8.42 -1.80
CA TYR A 268 10.46 9.44 -2.30
C TYR A 268 10.77 10.52 -1.29
N ALA A 269 11.93 11.14 -1.52
CA ALA A 269 12.45 12.21 -0.70
C ALA A 269 13.09 13.25 -1.61
N THR A 270 13.04 14.51 -1.22
CA THR A 270 13.47 15.61 -2.08
C THR A 270 14.62 16.41 -1.46
N GLY A 271 15.47 16.93 -2.33
CA GLY A 271 16.66 17.69 -1.92
C GLY A 271 17.06 18.66 -3.00
N ASP A 272 18.10 19.46 -2.72
CA ASP A 272 18.49 20.55 -3.61
C ASP A 272 19.78 20.30 -4.37
N ASN A 273 20.36 19.09 -4.22
CA ASN A 273 21.60 18.73 -4.90
C ASN A 273 21.73 17.21 -4.92
N PRO A 274 22.62 16.66 -5.77
CA PRO A 274 22.67 15.19 -5.91
C PRO A 274 23.00 14.42 -4.62
N TYR A 275 23.75 15.04 -3.71
CA TYR A 275 24.23 14.38 -2.50
C TYR A 275 23.27 14.45 -1.33
N GLY A 276 22.19 15.22 -1.45
CA GLY A 276 21.25 15.40 -0.36
C GLY A 276 21.77 16.38 0.67
N PRO A 277 21.22 16.40 1.88
CA PRO A 277 20.22 15.45 2.38
C PRO A 277 18.87 15.51 1.67
N PHE A 278 18.13 14.42 1.74
CA PHE A 278 16.79 14.35 1.14
C PHE A 278 15.77 14.24 2.25
N THR A 279 14.70 15.02 2.13
CA THR A 279 13.59 15.00 3.09
C THR A 279 12.48 14.09 2.61
N TYR A 280 12.16 13.07 3.42
CA TYR A 280 11.09 12.12 3.09
C TYR A 280 9.79 12.88 2.84
N ARG A 281 9.11 12.57 1.74
CA ARG A 281 7.86 13.24 1.38
C ARG A 281 6.65 12.31 1.42
N GLY A 282 6.76 11.13 0.81
CA GLY A 282 5.66 10.17 0.86
C GLY A 282 5.82 8.99 -0.06
N VAL A 283 4.70 8.33 -0.34
CA VAL A 283 4.70 7.07 -1.11
C VAL A 283 4.49 7.35 -2.60
N ILE A 284 5.31 6.73 -3.44
CA ILE A 284 5.15 6.71 -4.90
C ILE A 284 4.23 5.58 -5.31
N LEU A 285 4.53 4.37 -4.84
CA LEU A 285 3.82 3.15 -5.25
C LEU A 285 3.57 2.26 -4.04
N ASN A 286 2.30 1.97 -3.78
CA ASN A 286 1.91 1.03 -2.74
C ASN A 286 2.28 -0.40 -3.12
N PRO A 287 2.18 -1.35 -2.16
CA PRO A 287 2.65 -2.70 -2.43
C PRO A 287 1.95 -3.42 -3.58
N VAL A 288 2.73 -4.23 -4.29
CA VAL A 288 2.26 -4.95 -5.46
C VAL A 288 2.11 -6.43 -5.11
N ILE A 289 1.64 -7.21 -6.09
CA ILE A 289 1.64 -8.68 -5.99
C ILE A 289 3.09 -9.14 -5.99
N GLY A 290 3.46 -9.97 -5.02
CA GLY A 290 4.85 -10.40 -4.85
C GLY A 290 5.63 -9.48 -3.91
N TRP A 291 6.63 -10.04 -3.24
CA TRP A 291 7.37 -9.38 -2.16
C TRP A 291 8.09 -8.10 -2.62
N THR A 292 8.76 -8.17 -3.76
CA THR A 292 9.63 -7.07 -4.20
C THR A 292 8.82 -5.96 -4.85
N ASN A 293 9.38 -4.76 -4.81
CA ASN A 293 8.80 -3.59 -5.45
C ASN A 293 9.98 -2.79 -5.99
N HIS A 294 10.00 -2.50 -7.29
CA HIS A 294 11.15 -1.85 -7.94
C HIS A 294 10.67 -1.07 -9.15
N HIS A 295 11.21 0.13 -9.34
CA HIS A 295 10.62 1.10 -10.23
C HIS A 295 11.67 1.96 -10.93
N SER A 296 11.23 2.73 -11.91
CA SER A 296 11.94 3.92 -12.34
C SER A 296 10.93 4.95 -12.80
N ILE A 297 11.38 6.20 -12.86
CA ILE A 297 10.55 7.34 -13.19
C ILE A 297 11.24 8.11 -14.32
N VAL A 298 10.52 8.34 -15.42
CA VAL A 298 11.11 8.88 -16.64
C VAL A 298 10.09 9.77 -17.37
N GLU A 299 10.59 10.87 -17.93
CA GLU A 299 9.76 11.78 -18.74
C GLU A 299 9.95 11.43 -20.21
N PHE A 300 8.83 11.30 -20.93
CA PHE A 300 8.85 10.93 -22.35
C PHE A 300 7.71 11.67 -23.02
N ASN A 301 8.03 12.46 -24.05
CA ASN A 301 7.04 13.30 -24.74
C ASN A 301 6.21 14.19 -23.81
N GLY A 302 6.86 14.74 -22.79
CA GLY A 302 6.21 15.65 -21.85
C GLY A 302 5.29 15.03 -20.82
N LYS A 303 5.25 13.70 -20.74
CA LYS A 303 4.52 12.99 -19.69
C LYS A 303 5.51 12.25 -18.82
N TRP A 304 5.20 12.11 -17.54
CA TRP A 304 6.03 11.32 -16.64
C TRP A 304 5.42 9.94 -16.44
N TYR A 305 6.28 8.93 -16.42
CA TYR A 305 5.90 7.53 -16.32
C TYR A 305 6.60 6.86 -15.15
N LEU A 306 5.86 6.00 -14.46
CA LEU A 306 6.39 5.09 -13.44
C LEU A 306 6.42 3.70 -14.05
N PHE A 307 7.63 3.19 -14.30
CA PHE A 307 7.81 1.78 -14.64
C PHE A 307 7.95 1.00 -13.34
N TYR A 308 7.32 -0.17 -13.27
CA TYR A 308 7.40 -1.00 -12.07
C TYR A 308 7.20 -2.45 -12.43
N HIS A 309 7.15 -3.33 -11.43
CA HIS A 309 6.85 -4.73 -11.69
C HIS A 309 5.91 -5.33 -10.67
N ASP A 310 5.42 -6.53 -10.98
CA ASP A 310 4.75 -7.35 -9.98
C ASP A 310 4.88 -8.83 -10.37
N SER A 311 4.30 -9.70 -9.56
CA SER A 311 4.34 -11.14 -9.79
C SER A 311 3.01 -11.66 -10.35
N SER A 312 2.26 -10.80 -11.04
CA SER A 312 0.92 -11.14 -11.54
C SER A 312 0.95 -12.25 -12.60
N LEU A 313 1.86 -12.13 -13.58
CA LEU A 313 1.91 -13.07 -14.69
C LEU A 313 2.22 -14.50 -14.27
N SER A 314 3.11 -14.67 -13.29
CA SER A 314 3.47 -15.98 -12.78
C SER A 314 2.50 -16.55 -11.73
N GLY A 315 1.42 -15.84 -11.44
CA GLY A 315 0.48 -16.25 -10.40
C GLY A 315 1.01 -16.05 -8.99
N GLY A 316 1.88 -15.06 -8.79
CA GLY A 316 2.35 -14.69 -7.46
C GLY A 316 3.72 -15.19 -7.05
N LYS A 317 4.49 -15.78 -7.96
CA LYS A 317 5.82 -16.27 -7.62
C LYS A 317 6.79 -15.09 -7.48
N THR A 318 7.47 -15.03 -6.34
CA THR A 318 8.33 -13.89 -5.98
C THR A 318 9.36 -13.55 -7.04
N HIS A 319 9.96 -14.61 -7.61
CA HIS A 319 11.11 -14.51 -8.51
C HIS A 319 10.76 -14.56 -9.99
N LEU A 320 9.47 -14.56 -10.34
CA LEU A 320 9.02 -14.55 -11.73
C LEU A 320 8.06 -13.37 -11.91
N ARG A 321 8.63 -12.25 -12.31
CA ARG A 321 7.92 -11.00 -12.31
C ARG A 321 7.67 -10.54 -13.74
N CYS A 322 6.87 -9.49 -13.89
CA CYS A 322 6.65 -8.82 -15.17
C CYS A 322 6.60 -7.31 -14.98
N ILE A 323 7.22 -6.58 -15.89
CA ILE A 323 7.23 -5.11 -15.81
C ILE A 323 5.93 -4.52 -16.37
N LYS A 324 5.56 -3.38 -15.81
CA LYS A 324 4.36 -2.63 -16.15
C LYS A 324 4.72 -1.15 -16.12
N VAL A 325 3.81 -0.32 -16.64
CA VAL A 325 4.00 1.12 -16.65
C VAL A 325 2.68 1.82 -16.39
N THR A 326 2.76 2.99 -15.76
CA THR A 326 1.61 3.86 -15.61
C THR A 326 2.06 5.32 -15.55
N GLU A 327 1.15 6.24 -15.84
CA GLU A 327 1.46 7.67 -15.78
C GLU A 327 1.61 8.13 -14.34
N LEU A 328 2.61 8.98 -14.12
CA LEU A 328 2.91 9.52 -12.79
C LEU A 328 2.62 11.01 -12.82
N THR A 329 1.97 11.50 -11.77
CA THR A 329 1.55 12.91 -11.69
C THR A 329 2.28 13.67 -10.59
N HIS A 330 3.10 14.64 -10.99
CA HIS A 330 3.62 15.64 -10.07
C HIS A 330 2.60 16.76 -9.96
N ASN A 331 2.42 17.27 -8.75
CA ASN A 331 1.77 18.56 -8.54
C ASN A 331 2.78 19.67 -8.73
N ALA A 332 2.30 20.89 -8.99
CA ALA A 332 3.19 22.03 -9.22
C ALA A 332 4.10 22.32 -8.04
N ASP A 333 3.62 22.05 -6.82
CA ASP A 333 4.44 22.20 -5.62
C ASP A 333 5.51 21.10 -5.43
N GLY A 334 5.62 20.18 -6.39
CA GLY A 334 6.65 19.16 -6.32
C GLY A 334 6.23 17.84 -5.68
N THR A 335 5.10 17.82 -4.96
CA THR A 335 4.60 16.55 -4.43
C THR A 335 4.13 15.67 -5.57
N ILE A 336 4.14 14.36 -5.32
CA ILE A 336 3.73 13.35 -6.31
C ILE A 336 2.51 12.62 -5.78
N GLU A 337 1.52 12.41 -6.64
CA GLU A 337 0.35 11.62 -6.29
C GLU A 337 0.72 10.16 -6.13
N THR A 338 0.33 9.56 -5.02
CA THR A 338 0.61 8.14 -4.75
C THR A 338 -0.16 7.26 -5.73
N ILE A 339 0.53 6.27 -6.29
CA ILE A 339 -0.10 5.29 -7.16
C ILE A 339 -0.38 4.03 -6.35
N SER A 340 -1.61 3.53 -6.45
CA SER A 340 -1.98 2.23 -5.93
C SER A 340 -2.21 1.35 -7.15
N PRO A 341 -1.51 0.19 -7.22
CA PRO A 341 -1.39 -0.55 -8.48
C PRO A 341 -2.67 -1.19 -9.03
N TYR A 342 -3.66 -1.50 -8.20
CA TYR A 342 -4.80 -2.31 -8.66
C TYR A 342 -6.15 -1.64 -8.39
N ILE A 343 -6.24 -0.35 -8.62
CA ILE A 343 -7.48 0.37 -8.29
C ILE A 343 -8.34 0.67 -9.52
N GLU A 344 -7.75 1.25 -10.57
CA GLU A 344 -8.49 1.47 -11.83
C GLU A 344 -8.34 0.25 -12.74
N HIS B 20 -6.13 -19.76 2.34
CA HIS B 20 -5.00 -18.86 1.95
C HIS B 20 -5.48 -17.70 1.06
N MET B 21 -6.24 -16.79 1.66
CA MET B 21 -6.65 -15.53 1.03
C MET B 21 -7.48 -15.66 -0.28
N GLU B 22 -8.27 -16.72 -0.39
CA GLU B 22 -9.29 -16.83 -1.43
C GLU B 22 -10.57 -16.16 -0.93
N PRO B 23 -11.51 -15.80 -1.82
CA PRO B 23 -12.74 -15.22 -1.31
C PRO B 23 -13.51 -16.19 -0.42
N LEU B 24 -14.08 -15.69 0.67
CA LEU B 24 -14.86 -16.51 1.59
C LEU B 24 -16.18 -16.95 0.97
N VAL B 25 -16.72 -16.10 0.10
CA VAL B 25 -18.03 -16.26 -0.50
C VAL B 25 -17.85 -16.07 -2.00
N THR B 26 -18.43 -16.98 -2.79
CA THR B 26 -18.32 -16.92 -4.26
C THR B 26 -19.65 -16.85 -5.01
N HIS B 27 -20.78 -16.97 -4.31
CA HIS B 27 -22.10 -17.05 -4.95
C HIS B 27 -22.84 -15.70 -4.99
N ILE B 28 -22.39 -14.75 -4.18
CA ILE B 28 -22.84 -13.36 -4.23
C ILE B 28 -21.64 -12.48 -3.96
N TYR B 29 -21.75 -11.21 -4.31
CA TYR B 29 -20.72 -10.24 -4.00
C TYR B 29 -20.96 -9.70 -2.60
N THR B 30 -19.87 -9.58 -1.83
CA THR B 30 -19.96 -9.17 -0.42
C THR B 30 -18.87 -8.18 -0.11
N ALA B 31 -19.13 -7.31 0.86
CA ALA B 31 -18.20 -6.26 1.24
C ALA B 31 -18.37 -5.90 2.71
N ASP B 32 -17.48 -5.03 3.18
CA ASP B 32 -17.60 -4.42 4.50
C ASP B 32 -17.90 -5.41 5.62
N PRO B 33 -17.02 -6.41 5.82
CA PRO B 33 -17.31 -7.47 6.77
C PRO B 33 -17.12 -7.05 8.23
N SER B 34 -18.21 -7.02 9.00
CA SER B 34 -18.14 -6.84 10.46
C SER B 34 -18.37 -8.18 11.14
N ALA B 35 -17.31 -8.74 11.74
CA ALA B 35 -17.34 -10.08 12.31
C ALA B 35 -17.47 -10.04 13.84
N HIS B 36 -18.33 -10.91 14.37
CA HIS B 36 -18.55 -11.05 15.81
C HIS B 36 -18.56 -12.50 16.19
N VAL B 37 -18.26 -12.78 17.45
CA VAL B 37 -18.44 -14.12 18.00
C VAL B 37 -19.73 -14.12 18.82
N PHE B 38 -20.75 -14.80 18.32
CA PHE B 38 -22.02 -14.99 19.02
C PHE B 38 -22.29 -16.50 19.09
N ASP B 39 -22.66 -17.00 20.26
CA ASP B 39 -22.97 -18.44 20.47
C ASP B 39 -21.84 -19.35 20.01
N GLY B 40 -20.60 -18.95 20.30
CA GLY B 40 -19.41 -19.71 19.89
C GLY B 40 -19.17 -19.89 18.40
N LYS B 41 -19.86 -19.10 17.57
CA LYS B 41 -19.65 -19.08 16.12
C LYS B 41 -19.23 -17.68 15.72
N VAL B 42 -18.59 -17.56 14.55
CA VAL B 42 -18.31 -16.26 13.97
C VAL B 42 -19.47 -15.87 13.06
N TYR B 43 -20.15 -14.79 13.40
CA TYR B 43 -21.17 -14.22 12.52
C TYR B 43 -20.59 -13.00 11.83
N ILE B 44 -20.85 -12.88 10.53
CA ILE B 44 -20.32 -11.77 9.74
C ILE B 44 -21.49 -11.01 9.17
N TYR B 45 -21.45 -9.69 9.31
CA TYR B 45 -22.48 -8.77 8.83
C TYR B 45 -21.84 -7.91 7.76
N PRO B 46 -21.93 -8.34 6.48
CA PRO B 46 -21.37 -7.60 5.36
C PRO B 46 -22.44 -6.84 4.58
N SER B 47 -21.97 -5.95 3.73
CA SER B 47 -22.80 -5.37 2.67
C SER B 47 -23.00 -6.44 1.61
N HIS B 48 -24.16 -6.41 0.96
CA HIS B 48 -24.44 -7.31 -0.16
C HIS B 48 -24.41 -6.49 -1.44
N ASP B 49 -23.29 -6.58 -2.15
CA ASP B 49 -23.07 -5.81 -3.35
C ASP B 49 -23.91 -6.36 -4.50
N ILE B 50 -24.44 -5.45 -5.30
CA ILE B 50 -25.23 -5.79 -6.48
C ILE B 50 -24.81 -4.87 -7.61
N ASP B 51 -24.99 -5.37 -8.83
CA ASP B 51 -24.59 -4.64 -10.02
C ASP B 51 -25.77 -3.76 -10.42
N ALA B 52 -25.91 -2.65 -9.70
CA ALA B 52 -27.03 -1.73 -9.91
C ALA B 52 -26.91 -0.90 -11.20
N GLY B 53 -25.67 -0.76 -11.71
CA GLY B 53 -25.42 0.03 -12.91
C GLY B 53 -25.49 1.54 -12.73
N THR B 54 -25.54 2.02 -11.49
CA THR B 54 -25.53 3.45 -11.18
C THR B 54 -24.12 4.00 -11.41
N PRO B 55 -23.99 5.31 -11.69
CA PRO B 55 -22.68 5.84 -12.10
C PRO B 55 -21.64 5.85 -10.97
N GLU B 56 -20.39 5.56 -11.30
CA GLU B 56 -19.29 5.58 -10.33
C GLU B 56 -18.74 6.99 -10.16
N ASN B 57 -18.86 7.52 -8.94
CA ASN B 57 -18.36 8.87 -8.60
C ASN B 57 -17.98 8.95 -7.13
N ASP B 58 -17.40 10.08 -6.73
CA ASP B 58 -16.91 10.28 -5.36
C ASP B 58 -18.01 10.52 -4.30
N MET B 59 -19.27 10.50 -4.72
CA MET B 59 -20.42 10.56 -3.82
C MET B 59 -20.92 9.16 -3.44
N GLY B 60 -20.36 8.12 -4.08
CA GLY B 60 -20.72 6.74 -3.79
C GLY B 60 -21.99 6.24 -4.45
N ASP B 61 -22.42 6.88 -5.53
CA ASP B 61 -23.69 6.53 -6.19
C ASP B 61 -23.71 5.09 -6.73
N HIS B 62 -22.53 4.60 -7.10
CA HIS B 62 -22.32 3.20 -7.51
C HIS B 62 -22.63 2.14 -6.44
N PHE B 63 -22.71 2.56 -5.18
CA PHE B 63 -23.11 1.68 -4.07
C PHE B 63 -24.60 1.83 -3.78
N ASP B 64 -25.40 0.97 -4.41
CA ASP B 64 -26.86 1.06 -4.30
C ASP B 64 -27.45 -0.24 -3.75
N MET B 65 -26.82 -0.74 -2.69
CA MET B 65 -27.23 -2.00 -2.08
C MET B 65 -28.62 -1.89 -1.43
N ARG B 66 -29.31 -3.03 -1.36
CA ARG B 66 -30.72 -3.08 -0.97
C ARG B 66 -31.09 -4.04 0.15
N ASP B 67 -30.19 -4.94 0.54
CA ASP B 67 -30.46 -5.85 1.63
C ASP B 67 -29.18 -6.33 2.30
N TYR B 68 -29.35 -7.04 3.41
CA TYR B 68 -28.24 -7.69 4.10
C TYR B 68 -28.51 -9.17 4.23
N HIS B 69 -27.49 -9.97 3.93
CA HIS B 69 -27.44 -11.38 4.31
C HIS B 69 -26.48 -11.53 5.49
N VAL B 70 -26.82 -12.33 6.48
CA VAL B 70 -25.88 -12.64 7.55
C VAL B 70 -25.15 -13.94 7.19
N LEU B 71 -23.84 -13.96 7.43
CA LEU B 71 -23.01 -15.16 7.20
C LEU B 71 -22.48 -15.69 8.52
N SER B 72 -22.14 -16.98 8.56
CA SER B 72 -21.51 -17.56 9.74
C SER B 72 -20.47 -18.61 9.41
N MET B 73 -19.52 -18.77 10.34
CA MET B 73 -18.46 -19.76 10.26
C MET B 73 -18.34 -20.42 11.62
N ASN B 74 -18.16 -21.74 11.65
CA ASN B 74 -17.88 -22.47 12.89
C ASN B 74 -16.40 -22.55 13.21
N SER B 75 -15.56 -22.41 12.19
CA SER B 75 -14.12 -22.36 12.36
C SER B 75 -13.52 -21.49 11.26
N ILE B 76 -12.30 -21.00 11.49
CA ILE B 76 -11.53 -20.28 10.49
C ILE B 76 -10.20 -21.03 10.29
N PRO B 77 -9.92 -21.57 9.11
CA PRO B 77 -10.82 -21.58 7.96
C PRO B 77 -12.02 -22.50 8.18
N GLY B 78 -13.04 -22.32 7.37
CA GLY B 78 -14.22 -23.14 7.46
C GLY B 78 -15.30 -22.75 6.47
N GLU B 79 -16.22 -23.68 6.28
CA GLU B 79 -17.39 -23.48 5.43
C GLU B 79 -18.18 -22.27 5.92
N VAL B 80 -18.61 -21.43 4.97
CA VAL B 80 -19.40 -20.24 5.27
C VAL B 80 -20.85 -20.53 4.95
N THR B 81 -21.73 -20.33 5.92
CA THR B 81 -23.17 -20.45 5.72
C THR B 81 -23.75 -19.08 5.46
N ASP B 82 -24.52 -18.95 4.38
CA ASP B 82 -25.28 -17.76 4.06
C ASP B 82 -26.68 -18.00 4.59
N HIS B 83 -27.13 -17.19 5.55
CA HIS B 83 -28.44 -17.38 6.18
C HIS B 83 -29.63 -16.73 5.46
N GLY B 84 -29.41 -16.21 4.25
CA GLY B 84 -30.47 -15.59 3.47
C GLY B 84 -30.62 -14.12 3.78
N VAL B 85 -31.67 -13.50 3.25
CA VAL B 85 -31.92 -12.07 3.45
C VAL B 85 -32.39 -11.86 4.89
N ALA B 86 -31.64 -11.07 5.64
CA ALA B 86 -31.94 -10.76 7.04
C ALA B 86 -32.72 -9.46 7.17
N LEU B 87 -32.57 -8.56 6.20
CA LEU B 87 -33.27 -7.29 6.19
C LEU B 87 -33.23 -6.73 4.78
N ASP B 88 -34.39 -6.29 4.30
CA ASP B 88 -34.55 -5.70 2.98
C ASP B 88 -34.96 -4.25 3.18
N ILE B 89 -34.41 -3.37 2.36
CA ILE B 89 -34.72 -1.93 2.46
C ILE B 89 -36.24 -1.64 2.33
N LYS B 90 -36.95 -2.50 1.59
CA LYS B 90 -38.40 -2.38 1.40
C LYS B 90 -39.18 -2.42 2.72
N ASP B 91 -38.60 -3.06 3.74
CA ASP B 91 -39.23 -3.19 5.06
C ASP B 91 -38.80 -2.14 6.08
N ILE B 92 -37.92 -1.21 5.69
CA ILE B 92 -37.44 -0.16 6.59
C ILE B 92 -38.24 1.12 6.29
N PRO B 93 -39.22 1.46 7.16
CA PRO B 93 -40.16 2.57 6.86
C PRO B 93 -39.52 3.92 6.53
N TRP B 94 -38.43 4.26 7.23
CA TRP B 94 -37.77 5.56 7.07
C TRP B 94 -36.75 5.62 5.94
N ALA B 95 -36.30 4.47 5.44
CA ALA B 95 -35.21 4.42 4.45
C ALA B 95 -35.69 4.80 3.05
N GLY B 96 -34.90 5.63 2.37
CA GLY B 96 -35.12 5.96 0.96
C GLY B 96 -34.28 5.06 0.07
N ARG B 97 -32.98 5.02 0.33
CA ARG B 97 -32.05 4.25 -0.51
C ARG B 97 -30.71 4.01 0.16
N GLN B 98 -29.95 3.09 -0.44
CA GLN B 98 -28.53 2.86 -0.15
C GLN B 98 -28.26 2.31 1.23
N LEU B 99 -28.43 1.00 1.37
CA LEU B 99 -28.09 0.28 2.59
C LEU B 99 -26.60 0.01 2.63
N TRP B 100 -25.86 0.82 3.37
CA TRP B 100 -24.40 0.70 3.44
C TRP B 100 -23.96 -0.17 4.63
N ALA B 101 -22.67 -0.14 4.98
CA ALA B 101 -22.07 -1.18 5.85
C ALA B 101 -22.77 -1.31 7.21
N PRO B 102 -23.24 -2.51 7.56
CA PRO B 102 -23.95 -2.71 8.83
C PRO B 102 -23.06 -3.26 9.95
N ASP B 103 -23.60 -3.28 11.17
CA ASP B 103 -22.97 -4.01 12.26
C ASP B 103 -24.04 -4.58 13.18
N ALA B 104 -23.64 -5.43 14.11
CA ALA B 104 -24.56 -6.10 15.00
C ALA B 104 -24.06 -6.12 16.43
N ALA B 105 -25.00 -6.24 17.36
CA ALA B 105 -24.69 -6.46 18.76
C ALA B 105 -25.71 -7.41 19.35
N SER B 106 -25.32 -7.98 20.49
CA SER B 106 -26.13 -8.93 21.23
C SER B 106 -26.21 -8.48 22.68
N LYS B 107 -27.43 -8.45 23.23
CA LYS B 107 -27.63 -8.12 24.64
C LYS B 107 -28.92 -8.78 25.13
N ASP B 108 -28.80 -9.52 26.24
CA ASP B 108 -29.95 -10.07 26.96
C ASP B 108 -30.88 -10.91 26.06
N GLY B 109 -30.29 -11.80 25.26
CA GLY B 109 -31.06 -12.67 24.36
C GLY B 109 -31.69 -12.04 23.13
N LYS B 110 -31.35 -10.78 22.82
CA LYS B 110 -31.76 -10.15 21.57
C LYS B 110 -30.54 -9.76 20.75
N TYR B 111 -30.74 -9.66 19.44
CA TYR B 111 -29.70 -9.27 18.49
C TYR B 111 -30.16 -8.02 17.77
N TYR B 112 -29.23 -7.08 17.63
CA TYR B 112 -29.53 -5.77 17.09
C TYR B 112 -28.66 -5.56 15.87
N LEU B 113 -29.28 -5.25 14.74
CA LEU B 113 -28.58 -4.92 13.51
C LEU B 113 -28.66 -3.41 13.33
N TYR B 114 -27.50 -2.77 13.25
CA TYR B 114 -27.37 -1.33 13.04
C TYR B 114 -26.96 -1.07 11.61
N PHE B 115 -27.62 -0.14 10.95
CA PHE B 115 -27.39 0.05 9.52
C PHE B 115 -27.55 1.51 9.11
N PRO B 116 -26.65 1.99 8.22
CA PRO B 116 -26.75 3.29 7.64
C PRO B 116 -27.58 3.23 6.37
N ALA B 117 -28.46 4.21 6.20
CA ALA B 117 -29.21 4.39 4.97
C ALA B 117 -29.64 5.84 4.82
N LYS B 118 -29.82 6.27 3.57
CA LYS B 118 -30.33 7.62 3.33
C LYS B 118 -31.82 7.62 3.61
N ASP B 119 -32.27 8.61 4.38
CA ASP B 119 -33.68 8.82 4.64
C ASP B 119 -34.34 9.40 3.39
N LYS B 120 -35.63 9.72 3.48
CA LYS B 120 -36.38 10.24 2.33
C LYS B 120 -35.98 11.66 1.89
N GLU B 121 -35.19 12.37 2.70
CA GLU B 121 -34.50 13.59 2.28
C GLU B 121 -33.05 13.38 1.81
N ASP B 122 -32.68 12.13 1.49
CA ASP B 122 -31.31 11.80 1.04
C ASP B 122 -30.20 12.08 2.07
N ILE B 123 -30.54 12.02 3.36
CA ILE B 123 -29.57 12.27 4.44
C ILE B 123 -29.31 10.96 5.15
N PHE B 124 -28.05 10.54 5.20
CA PHE B 124 -27.67 9.31 5.91
C PHE B 124 -28.02 9.41 7.39
N ARG B 125 -28.70 8.37 7.88
CA ARG B 125 -28.97 8.18 9.30
C ARG B 125 -28.65 6.74 9.61
N ILE B 126 -28.59 6.42 10.91
CA ILE B 126 -28.34 5.06 11.36
C ILE B 126 -29.56 4.56 12.10
N GLY B 127 -30.04 3.38 11.71
CA GLY B 127 -31.22 2.76 12.30
C GLY B 127 -30.89 1.41 12.92
N VAL B 128 -31.86 0.88 13.67
CA VAL B 128 -31.71 -0.42 14.31
C VAL B 128 -32.86 -1.34 13.90
N ALA B 129 -32.55 -2.62 13.86
CA ALA B 129 -33.54 -3.68 13.67
C ALA B 129 -33.23 -4.80 14.64
N VAL B 130 -34.28 -5.52 15.06
CA VAL B 130 -34.17 -6.44 16.20
C VAL B 130 -34.56 -7.87 15.82
N SER B 131 -33.85 -8.85 16.38
CA SER B 131 -34.17 -10.26 16.21
C SER B 131 -33.85 -11.06 17.46
N ASP B 132 -34.49 -12.23 17.58
CA ASP B 132 -34.10 -13.20 18.61
C ASP B 132 -32.94 -14.09 18.16
N SER B 133 -32.52 -13.97 16.89
CA SER B 133 -31.46 -14.80 16.32
C SER B 133 -30.34 -13.92 15.76
N PRO B 134 -29.08 -14.33 15.91
CA PRO B 134 -27.98 -13.57 15.28
C PRO B 134 -28.06 -13.52 13.74
N ALA B 135 -28.76 -14.49 13.14
CA ALA B 135 -28.97 -14.54 11.70
C ALA B 135 -30.24 -13.85 11.21
N GLY B 136 -31.06 -13.30 12.11
CA GLY B 136 -32.30 -12.64 11.72
C GLY B 136 -33.43 -13.63 11.45
N PRO B 137 -34.49 -13.21 10.77
CA PRO B 137 -34.66 -11.87 10.20
C PRO B 137 -34.83 -10.78 11.26
N PHE B 138 -34.39 -9.57 10.91
CA PHE B 138 -34.41 -8.45 11.83
C PHE B 138 -35.57 -7.54 11.50
N LYS B 139 -36.31 -7.13 12.53
CA LYS B 139 -37.47 -6.27 12.38
C LYS B 139 -37.05 -4.83 12.63
N PRO B 140 -37.15 -3.95 11.63
CA PRO B 140 -36.63 -2.59 11.80
C PRO B 140 -37.55 -1.70 12.62
N GLU B 141 -36.93 -0.81 13.40
CA GLU B 141 -37.64 0.28 14.05
C GLU B 141 -38.12 1.25 12.98
N SER B 142 -39.22 1.94 13.26
CA SER B 142 -39.87 2.76 12.24
C SER B 142 -39.10 4.05 11.91
N GLU B 143 -38.28 4.53 12.86
CA GLU B 143 -37.47 5.72 12.67
C GLU B 143 -35.99 5.41 12.93
N PRO B 144 -35.07 6.22 12.39
CA PRO B 144 -33.65 6.02 12.71
C PRO B 144 -33.33 6.43 14.15
N ILE B 145 -32.12 6.13 14.61
CA ILE B 145 -31.69 6.49 15.96
C ILE B 145 -31.63 8.01 16.06
N LYS B 146 -32.29 8.56 17.09
CA LYS B 146 -32.30 9.99 17.28
C LYS B 146 -30.89 10.48 17.62
N GLY B 147 -30.45 11.51 16.91
CA GLY B 147 -29.11 12.07 17.09
C GLY B 147 -28.03 11.39 16.27
N SER B 148 -28.39 10.38 15.47
CA SER B 148 -27.44 9.71 14.59
C SER B 148 -27.39 10.41 13.26
N TYR B 149 -26.29 10.18 12.55
CA TYR B 149 -26.08 10.70 11.22
C TYR B 149 -24.89 10.00 10.60
N SER B 150 -24.70 10.22 9.31
CA SER B 150 -23.59 9.66 8.56
C SER B 150 -23.66 8.13 8.58
N ILE B 151 -22.52 7.46 8.43
CA ILE B 151 -22.52 6.05 8.04
C ILE B 151 -21.66 5.17 8.95
N ASP B 152 -21.57 3.89 8.59
CA ASP B 152 -20.58 2.96 9.12
C ASP B 152 -20.59 2.78 10.64
N PRO B 153 -21.75 2.39 11.20
CA PRO B 153 -21.76 2.08 12.63
C PRO B 153 -20.88 0.89 13.00
N ALA B 154 -20.21 0.98 14.14
CA ALA B 154 -19.57 -0.15 14.77
C ALA B 154 -19.98 -0.12 16.23
N VAL B 155 -20.69 -1.15 16.69
CA VAL B 155 -21.17 -1.19 18.07
C VAL B 155 -20.27 -2.13 18.86
N PHE B 156 -19.57 -1.55 19.83
CA PHE B 156 -18.52 -2.23 20.58
C PHE B 156 -18.99 -2.51 21.99
N LYS B 157 -18.91 -3.78 22.41
CA LYS B 157 -19.22 -4.16 23.78
C LYS B 157 -17.93 -4.24 24.58
N ASP B 158 -17.80 -3.38 25.57
CA ASP B 158 -16.60 -3.34 26.40
C ASP B 158 -16.71 -4.42 27.50
N ASP B 159 -15.58 -4.68 28.18
CA ASP B 159 -15.45 -5.68 29.26
C ASP B 159 -16.35 -5.44 30.47
N ASP B 160 -16.77 -4.20 30.68
CA ASP B 160 -17.67 -3.82 31.77
C ASP B 160 -19.16 -3.86 31.40
N GLY B 161 -19.50 -4.43 30.25
CA GLY B 161 -20.89 -4.52 29.81
C GLY B 161 -21.47 -3.28 29.14
N LYS B 162 -20.68 -2.22 28.97
CA LYS B 162 -21.16 -1.01 28.30
C LYS B 162 -20.99 -1.16 26.79
N TYR B 163 -21.97 -0.66 26.04
CA TYR B 163 -21.97 -0.73 24.58
C TYR B 163 -21.84 0.68 24.00
N TYR B 164 -20.95 0.84 23.01
CA TYR B 164 -20.67 2.14 22.38
C TYR B 164 -20.84 2.03 20.88
N MET B 165 -21.49 3.00 20.27
CA MET B 165 -21.51 3.10 18.81
C MET B 165 -20.47 4.10 18.33
N TYR B 166 -19.52 3.60 17.53
CA TYR B 166 -18.63 4.41 16.74
C TYR B 166 -19.25 4.56 15.36
N PHE B 167 -19.17 5.76 14.76
CA PHE B 167 -19.72 5.98 13.43
C PHE B 167 -19.12 7.16 12.70
N GLY B 168 -19.46 7.24 11.41
CA GLY B 168 -19.06 8.35 10.58
C GLY B 168 -18.35 7.92 9.31
N GLY B 169 -18.54 8.71 8.27
CA GLY B 169 -17.78 8.58 7.03
C GLY B 169 -17.85 9.90 6.29
N ILE B 170 -16.72 10.35 5.77
CA ILE B 170 -16.65 11.61 5.01
C ILE B 170 -16.97 11.37 3.53
N TRP B 171 -16.87 12.40 2.70
CA TRP B 171 -17.22 12.36 1.27
C TRP B 171 -18.70 11.93 1.14
N GLY B 172 -19.00 10.81 0.48
CA GLY B 172 -20.39 10.34 0.32
C GLY B 172 -21.10 10.01 1.61
N GLY B 173 -20.34 9.71 2.67
CA GLY B 173 -20.89 9.44 4.00
C GLY B 173 -21.43 10.66 4.73
N GLN B 174 -21.13 11.85 4.23
CA GLN B 174 -21.74 13.13 4.66
C GLN B 174 -21.32 13.64 6.04
N LEU B 175 -20.34 13.02 6.70
CA LEU B 175 -19.93 13.47 8.04
C LEU B 175 -19.45 14.93 8.06
N GLN B 176 -18.77 15.35 7.00
CA GLN B 176 -18.34 16.76 6.83
C GLN B 176 -19.47 17.80 6.82
N ARG B 177 -20.71 17.35 6.59
CA ARG B 177 -21.88 18.21 6.60
C ARG B 177 -22.58 18.31 7.97
N TRP B 178 -22.01 17.70 9.00
CA TRP B 178 -22.58 17.69 10.35
C TRP B 178 -21.73 18.43 11.40
N THR B 179 -20.81 19.29 10.94
CA THR B 179 -19.91 20.04 11.82
C THR B 179 -20.63 20.83 12.92
N THR B 180 -21.75 21.47 12.56
CA THR B 180 -22.52 22.28 13.53
C THR B 180 -23.38 21.45 14.48
N GLY B 181 -23.74 20.24 14.07
CA GLY B 181 -24.71 19.41 14.80
C GLY B 181 -26.01 19.22 14.04
N GLU B 182 -26.26 20.08 13.04
CA GLU B 182 -27.36 19.92 12.08
C GLU B 182 -26.80 19.78 10.67
N TYR B 183 -27.60 19.17 9.78
CA TYR B 183 -27.18 18.93 8.38
C TYR B 183 -27.04 20.23 7.60
N ALA B 184 -25.89 20.42 6.96
CA ALA B 184 -25.57 21.65 6.23
C ALA B 184 -26.25 21.77 4.86
N GLY B 185 -26.84 20.68 4.38
CA GLY B 185 -27.62 20.67 3.13
C GLY B 185 -26.85 20.00 2.02
N HIS B 186 -27.54 19.70 0.93
CA HIS B 186 -26.95 18.94 -0.18
C HIS B 186 -25.93 19.71 -1.03
N ASP B 187 -25.90 21.03 -0.90
CA ASP B 187 -24.87 21.85 -1.59
C ASP B 187 -23.64 22.16 -0.73
N ALA B 188 -23.57 21.61 0.49
CA ALA B 188 -22.39 21.75 1.36
C ALA B 188 -21.22 20.91 0.83
N SER B 189 -20.11 20.87 1.58
CA SER B 189 -18.89 20.17 1.15
C SER B 189 -19.17 18.74 0.71
N LYS B 190 -18.55 18.35 -0.39
CA LYS B 190 -18.63 16.99 -0.92
C LYS B 190 -17.47 16.13 -0.42
N THR B 191 -16.56 16.71 0.35
CA THR B 191 -15.36 16.00 0.78
C THR B 191 -15.18 16.10 2.29
N ASP B 192 -14.58 17.19 2.77
CA ASP B 192 -14.17 17.31 4.16
C ASP B 192 -14.34 18.77 4.61
N LEU B 193 -13.58 19.24 5.60
CA LEU B 193 -13.69 20.64 6.06
C LEU B 193 -13.09 21.64 5.07
N GLU B 194 -12.29 21.15 4.12
CA GLU B 194 -11.60 22.00 3.16
C GLU B 194 -10.71 23.01 3.91
N GLN B 195 -10.02 22.50 4.93
CA GLN B 195 -9.16 23.27 5.81
C GLN B 195 -8.02 22.34 6.21
N ASP B 196 -7.09 22.13 5.29
CA ASP B 196 -6.05 21.12 5.44
C ASP B 196 -5.08 21.36 6.59
N ASP B 197 -4.92 22.62 6.99
CA ASP B 197 -4.00 22.98 8.09
C ASP B 197 -4.66 22.85 9.47
C ASP B 197 -4.65 22.83 9.47
N ALA B 198 -5.97 22.60 9.51
CA ALA B 198 -6.71 22.39 10.76
C ALA B 198 -6.89 20.89 11.08
N PRO B 199 -7.28 20.56 12.32
CA PRO B 199 -7.50 19.14 12.64
C PRO B 199 -8.48 18.47 11.68
N ALA B 200 -8.18 17.24 11.32
CA ALA B 200 -9.07 16.42 10.50
C ALA B 200 -10.36 16.13 11.25
N ILE B 201 -11.43 15.83 10.50
CA ILE B 201 -12.70 15.40 11.08
C ILE B 201 -12.46 14.10 11.81
N GLY B 202 -13.03 13.97 13.01
CA GLY B 202 -12.93 12.77 13.80
C GLY B 202 -14.18 11.93 13.72
N PRO B 203 -14.05 10.61 13.92
CA PRO B 203 -15.27 9.80 13.99
C PRO B 203 -16.08 10.12 15.25
N ARG B 204 -17.29 9.61 15.29
CA ARG B 204 -18.22 9.90 16.38
C ARG B 204 -18.40 8.70 17.28
N ILE B 205 -18.77 8.99 18.53
CA ILE B 205 -19.04 7.95 19.51
C ILE B 205 -20.22 8.37 20.39
N ALA B 206 -21.05 7.39 20.74
CA ALA B 206 -22.07 7.55 21.77
C ALA B 206 -22.30 6.22 22.46
N LEU B 207 -22.35 6.28 23.79
CA LEU B 207 -22.82 5.18 24.60
C LEU B 207 -24.25 4.82 24.23
N MET B 208 -24.55 3.52 24.18
CA MET B 208 -25.91 3.05 23.86
C MET B 208 -26.78 3.02 25.11
N SER B 209 -28.06 3.25 24.91
CA SER B 209 -29.07 3.09 25.96
C SER B 209 -29.23 1.63 26.37
N ASP B 210 -29.86 1.39 27.52
CA ASP B 210 -30.05 0.03 28.01
C ASP B 210 -30.78 -0.86 27.00
N ASP B 211 -31.79 -0.30 26.35
CA ASP B 211 -32.59 -1.05 25.38
C ASP B 211 -31.95 -1.19 23.98
N MET B 212 -30.79 -0.59 23.77
CA MET B 212 -30.02 -0.72 22.52
C MET B 212 -30.64 -0.07 21.28
N LEU B 213 -31.67 0.76 21.48
CA LEU B 213 -32.37 1.42 20.39
C LEU B 213 -32.05 2.91 20.31
N SER B 214 -31.32 3.44 21.29
CA SER B 214 -31.09 4.87 21.42
C SER B 214 -29.68 5.15 21.92
N PHE B 215 -29.24 6.38 21.72
CA PHE B 215 -28.03 6.87 22.36
C PHE B 215 -28.35 7.29 23.79
N ALA B 216 -27.45 6.96 24.72
CA ALA B 216 -27.60 7.28 26.14
C ALA B 216 -27.08 8.67 26.51
N GLU B 217 -26.32 9.30 25.62
CA GLU B 217 -25.63 10.55 25.91
C GLU B 217 -25.49 11.36 24.62
N PRO B 218 -25.08 12.64 24.73
CA PRO B 218 -24.74 13.37 23.51
C PRO B 218 -23.59 12.74 22.72
N VAL B 219 -23.68 12.84 21.40
CA VAL B 219 -22.64 12.33 20.50
C VAL B 219 -21.35 13.12 20.74
N LYS B 220 -20.21 12.43 20.78
CA LYS B 220 -18.91 13.06 20.93
C LYS B 220 -18.07 12.79 19.70
N GLU B 221 -17.21 13.75 19.36
CA GLU B 221 -16.22 13.57 18.30
C GLU B 221 -14.91 13.06 18.90
N ILE B 222 -14.29 12.10 18.22
CA ILE B 222 -13.05 11.49 18.68
C ILE B 222 -11.82 12.24 18.13
N SER B 223 -10.85 12.52 19.00
CA SER B 223 -9.59 13.12 18.59
C SER B 223 -8.54 12.05 18.30
N ILE B 224 -8.01 12.05 17.08
CA ILE B 224 -6.89 11.21 16.69
C ILE B 224 -5.66 12.11 16.56
N VAL B 225 -4.57 11.74 17.22
CA VAL B 225 -3.36 12.56 17.28
C VAL B 225 -2.15 11.76 16.82
N ASP B 226 -1.07 12.45 16.48
CA ASP B 226 0.19 11.79 16.12
C ASP B 226 0.99 11.46 17.39
N GLU B 227 2.16 10.84 17.23
CA GLU B 227 2.97 10.39 18.38
C GLU B 227 3.49 11.54 19.27
N GLN B 228 3.59 12.74 18.69
CA GLN B 228 3.90 13.97 19.44
C GLN B 228 2.70 14.59 20.18
N GLY B 229 1.51 14.00 20.03
CA GLY B 229 0.31 14.49 20.69
C GLY B 229 -0.46 15.56 19.94
N ASN B 230 -0.06 15.86 18.71
CA ASN B 230 -0.74 16.88 17.91
C ASN B 230 -1.81 16.27 16.99
N PRO B 231 -2.96 16.96 16.81
CA PRO B 231 -4.04 16.45 15.95
C PRO B 231 -3.58 16.06 14.55
N ILE B 232 -4.06 14.91 14.08
CA ILE B 232 -3.89 14.55 12.67
C ILE B 232 -4.64 15.60 11.88
N LEU B 233 -4.00 16.17 10.86
CA LEU B 233 -4.56 17.30 10.13
C LEU B 233 -5.36 16.84 8.92
N GLY B 234 -6.26 17.72 8.46
CA GLY B 234 -7.09 17.47 7.28
C GLY B 234 -6.31 17.11 6.03
N GLY B 235 -5.15 17.75 5.84
CA GLY B 235 -4.30 17.46 4.68
C GLY B 235 -3.54 16.15 4.71
N ASP B 236 -3.55 15.44 5.84
CA ASP B 236 -2.78 14.23 6.02
C ASP B 236 -3.65 13.02 5.65
N HIS B 237 -3.89 12.84 4.35
CA HIS B 237 -4.79 11.78 3.85
C HIS B 237 -4.29 10.36 4.09
N ASP B 238 -2.98 10.20 4.29
CA ASP B 238 -2.40 8.89 4.61
C ASP B 238 -2.82 8.37 5.99
N ARG B 239 -3.18 9.28 6.90
CA ARG B 239 -3.47 8.92 8.27
C ARG B 239 -4.85 9.34 8.78
N ARG B 240 -5.51 10.30 8.12
CA ARG B 240 -6.75 10.87 8.68
C ARG B 240 -7.96 9.99 8.42
N PHE B 241 -8.91 10.05 9.35
CA PHE B 241 -10.12 9.24 9.30
C PHE B 241 -10.98 9.51 8.07
N PHE B 242 -11.36 8.45 7.37
CA PHE B 242 -12.27 8.55 6.24
C PHE B 242 -13.60 7.85 6.52
N GLU B 243 -13.54 6.55 6.85
CA GLU B 243 -14.74 5.78 7.18
C GLU B 243 -14.34 4.48 7.88
N ALA B 244 -15.33 3.62 8.12
CA ALA B 244 -15.07 2.25 8.59
C ALA B 244 -14.38 2.18 9.95
N ALA B 245 -14.84 2.98 10.91
CA ALA B 245 -14.34 2.87 12.27
C ALA B 245 -14.58 1.46 12.84
N TRP B 246 -13.65 1.01 13.65
CA TRP B 246 -13.77 -0.28 14.32
C TRP B 246 -13.00 -0.17 15.63
N MET B 247 -13.58 -0.75 16.69
CA MET B 247 -12.94 -0.79 17.99
C MET B 247 -12.70 -2.22 18.41
N HIS B 248 -11.51 -2.50 18.89
CA HIS B 248 -11.26 -3.74 19.60
C HIS B 248 -10.27 -3.47 20.71
N LYS B 249 -10.23 -4.40 21.65
CA LYS B 249 -9.44 -4.26 22.86
C LYS B 249 -8.44 -5.39 22.92
N TYR B 250 -7.18 -5.07 23.18
CA TYR B 250 -6.13 -6.07 23.32
C TYR B 250 -5.21 -5.69 24.48
N ASN B 251 -5.08 -6.61 25.43
CA ASN B 251 -4.26 -6.40 26.65
C ASN B 251 -4.52 -5.05 27.32
N GLY B 252 -5.81 -4.74 27.47
CA GLY B 252 -6.25 -3.52 28.15
C GLY B 252 -6.27 -2.23 27.32
N THR B 253 -5.70 -2.27 26.11
CA THR B 253 -5.58 -1.09 25.27
C THR B 253 -6.72 -1.07 24.25
N TYR B 254 -7.24 0.12 23.98
CA TYR B 254 -8.31 0.32 22.99
C TYR B 254 -7.69 0.64 21.64
N TYR B 255 -8.05 -0.15 20.61
CA TYR B 255 -7.51 -0.01 19.26
C TYR B 255 -8.62 0.52 18.35
N LEU B 256 -8.51 1.78 17.95
CA LEU B 256 -9.41 2.37 16.97
C LEU B 256 -8.77 2.20 15.59
N SER B 257 -9.38 1.39 14.74
CA SER B 257 -8.91 1.23 13.38
C SER B 257 -9.95 1.76 12.41
N TYR B 258 -9.50 2.15 11.22
CA TYR B 258 -10.35 2.78 10.23
C TYR B 258 -9.71 2.80 8.85
N SER B 259 -10.54 3.11 7.86
CA SER B 259 -10.11 3.27 6.48
C SER B 259 -9.74 4.72 6.24
N THR B 260 -8.71 4.93 5.41
CA THR B 260 -8.29 6.27 5.00
C THR B 260 -8.89 6.71 3.64
N GLY B 261 -9.65 5.83 2.99
CA GLY B 261 -10.42 6.18 1.80
C GLY B 261 -9.58 6.40 0.55
N ASP B 262 -9.32 7.66 0.23
CA ASP B 262 -8.59 7.99 -1.02
C ASP B 262 -7.14 7.56 -1.03
N THR B 263 -6.56 7.27 0.14
CA THR B 263 -5.23 6.66 0.22
C THR B 263 -5.28 5.15 0.45
N HIS B 264 -6.47 4.58 0.62
CA HIS B 264 -6.71 3.13 0.51
C HIS B 264 -6.06 2.24 1.58
N TYR B 265 -5.80 2.78 2.77
CA TYR B 265 -5.25 2.01 3.89
C TYR B 265 -6.31 1.70 4.93
N ILE B 266 -6.13 0.60 5.65
CA ILE B 266 -6.68 0.46 6.98
C ILE B 266 -5.54 0.81 7.92
N VAL B 267 -5.77 1.78 8.81
CA VAL B 267 -4.78 2.21 9.79
C VAL B 267 -5.37 2.06 11.20
N TYR B 268 -4.54 2.28 12.23
CA TYR B 268 -5.02 2.21 13.60
C TYR B 268 -4.33 3.20 14.52
N ALA B 269 -5.05 3.51 15.60
CA ALA B 269 -4.59 4.40 16.65
C ALA B 269 -5.01 3.79 17.99
N THR B 270 -4.22 4.02 19.04
CA THR B 270 -4.45 3.38 20.34
C THR B 270 -4.76 4.40 21.45
N GLY B 271 -5.53 3.95 22.43
CA GLY B 271 -5.89 4.79 23.58
C GLY B 271 -6.16 3.96 24.80
N ASP B 272 -6.54 4.63 25.90
CA ASP B 272 -6.76 3.95 27.18
C ASP B 272 -8.22 3.93 27.62
N ASN B 273 -9.12 4.44 26.80
CA ASN B 273 -10.55 4.41 27.10
C ASN B 273 -11.34 4.51 25.78
N PRO B 274 -12.65 4.20 25.79
CA PRO B 274 -13.44 4.20 24.53
C PRO B 274 -13.47 5.51 23.74
N TYR B 275 -13.36 6.64 24.44
CA TYR B 275 -13.53 7.96 23.86
C TYR B 275 -12.24 8.57 23.32
N GLY B 276 -11.09 7.98 23.63
CA GLY B 276 -9.79 8.53 23.20
C GLY B 276 -9.35 9.66 24.13
N PRO B 277 -8.45 10.55 23.67
CA PRO B 277 -7.87 10.55 22.30
C PRO B 277 -7.08 9.29 21.94
N PHE B 278 -6.94 9.05 20.64
CA PHE B 278 -6.19 7.90 20.14
C PHE B 278 -4.94 8.37 19.41
N THR B 279 -3.81 7.71 19.71
CA THR B 279 -2.54 8.04 19.09
C THR B 279 -2.33 7.14 17.87
N TYR B 280 -2.23 7.76 16.68
CA TYR B 280 -1.91 7.03 15.44
C TYR B 280 -0.67 6.16 15.61
N ARG B 281 -0.77 4.89 15.21
CA ARG B 281 0.34 3.94 15.31
C ARG B 281 0.89 3.51 13.96
N GLY B 282 0.02 3.02 13.07
CA GLY B 282 0.48 2.56 11.76
C GLY B 282 -0.59 1.90 10.90
N VAL B 283 -0.12 1.17 9.90
CA VAL B 283 -0.98 0.55 8.89
C VAL B 283 -1.32 -0.88 9.31
N ILE B 284 -2.60 -1.23 9.24
CA ILE B 284 -3.07 -2.59 9.43
C ILE B 284 -3.05 -3.33 8.10
N LEU B 285 -3.65 -2.72 7.07
CA LEU B 285 -3.82 -3.35 5.77
C LEU B 285 -3.52 -2.36 4.66
N ASN B 286 -2.58 -2.76 3.80
CA ASN B 286 -2.22 -1.99 2.63
C ASN B 286 -3.31 -2.09 1.55
N PRO B 287 -3.21 -1.26 0.51
CA PRO B 287 -4.32 -1.22 -0.44
C PRO B 287 -4.61 -2.53 -1.17
N VAL B 288 -5.89 -2.72 -1.45
CA VAL B 288 -6.39 -3.94 -2.08
C VAL B 288 -6.74 -3.63 -3.54
N ILE B 289 -7.16 -4.68 -4.25
CA ILE B 289 -7.80 -4.52 -5.56
C ILE B 289 -9.13 -3.78 -5.37
N GLY B 290 -9.32 -2.70 -6.12
CA GLY B 290 -10.53 -1.87 -6.00
C GLY B 290 -10.34 -0.75 -5.00
N TRP B 291 -11.12 0.32 -5.20
CA TRP B 291 -10.92 1.58 -4.48
C TRP B 291 -11.11 1.48 -2.98
N THR B 292 -12.16 0.78 -2.53
CA THR B 292 -12.52 0.75 -1.10
C THR B 292 -11.68 -0.26 -0.33
N ASN B 293 -11.54 0.01 0.96
CA ASN B 293 -10.85 -0.88 1.89
C ASN B 293 -11.65 -0.82 3.18
N HIS B 294 -12.11 -1.97 3.66
CA HIS B 294 -13.02 -2.03 4.80
C HIS B 294 -12.84 -3.36 5.51
N HIS B 295 -12.84 -3.32 6.83
CA HIS B 295 -12.34 -4.43 7.61
C HIS B 295 -13.08 -4.61 8.92
N SER B 296 -12.81 -5.73 9.57
CA SER B 296 -13.00 -5.84 11.02
C SER B 296 -11.96 -6.78 11.61
N ILE B 297 -11.82 -6.66 12.93
CA ILE B 297 -10.81 -7.38 13.70
C ILE B 297 -11.52 -8.08 14.85
N VAL B 298 -11.38 -9.41 14.91
CA VAL B 298 -12.11 -10.21 15.89
C VAL B 298 -11.23 -11.33 16.42
N GLU B 299 -11.39 -11.63 17.72
CA GLU B 299 -10.69 -12.75 18.35
C GLU B 299 -11.60 -13.96 18.34
N PHE B 300 -11.08 -15.11 17.91
CA PHE B 300 -11.85 -16.36 17.91
C PHE B 300 -10.95 -17.54 18.23
N ASN B 301 -11.29 -18.26 19.30
CA ASN B 301 -10.49 -19.40 19.79
C ASN B 301 -9.02 -19.06 19.97
N GLY B 302 -8.77 -17.95 20.66
CA GLY B 302 -7.41 -17.51 20.99
C GLY B 302 -6.54 -17.00 19.85
N LYS B 303 -7.10 -16.82 18.65
CA LYS B 303 -6.38 -16.21 17.53
C LYS B 303 -7.13 -14.95 17.10
N TRP B 304 -6.39 -13.96 16.59
CA TRP B 304 -6.99 -12.75 16.04
C TRP B 304 -7.07 -12.83 14.52
N TYR B 305 -8.13 -12.27 13.96
CA TYR B 305 -8.40 -12.33 12.53
C TYR B 305 -8.78 -10.96 11.98
N LEU B 306 -8.23 -10.64 10.81
CA LEU B 306 -8.65 -9.49 10.04
C LEU B 306 -9.55 -9.97 8.91
N PHE B 307 -10.83 -9.57 8.96
CA PHE B 307 -11.75 -9.71 7.83
C PHE B 307 -11.62 -8.44 6.99
N TYR B 308 -11.57 -8.58 5.67
CA TYR B 308 -11.48 -7.43 4.77
C TYR B 308 -12.16 -7.79 3.45
N HIS B 309 -12.08 -6.91 2.45
CA HIS B 309 -12.60 -7.22 1.11
C HIS B 309 -11.69 -6.73 0.00
N ASP B 310 -11.99 -7.20 -1.21
CA ASP B 310 -11.40 -6.60 -2.41
C ASP B 310 -12.31 -6.82 -3.61
N SER B 311 -11.89 -6.34 -4.77
CA SER B 311 -12.67 -6.49 -6.01
C SER B 311 -12.10 -7.58 -6.95
N SER B 312 -11.41 -8.57 -6.38
CA SER B 312 -10.74 -9.60 -7.18
C SER B 312 -11.71 -10.51 -7.90
N LEU B 313 -12.78 -10.93 -7.21
CA LEU B 313 -13.76 -11.85 -7.82
C LEU B 313 -14.46 -11.25 -9.04
N SER B 314 -14.73 -9.94 -9.02
CA SER B 314 -15.39 -9.28 -10.15
C SER B 314 -14.44 -8.80 -11.25
N GLY B 315 -13.16 -9.15 -11.18
CA GLY B 315 -12.17 -8.64 -12.11
C GLY B 315 -11.87 -7.16 -11.92
N GLY B 316 -12.03 -6.68 -10.69
CA GLY B 316 -11.67 -5.30 -10.33
C GLY B 316 -12.76 -4.25 -10.36
N LYS B 317 -14.04 -4.64 -10.38
CA LYS B 317 -15.12 -3.65 -10.33
C LYS B 317 -15.26 -3.14 -8.90
N THR B 318 -15.21 -1.82 -8.74
CA THR B 318 -15.23 -1.16 -7.43
C THR B 318 -16.39 -1.59 -6.53
N HIS B 319 -17.55 -1.73 -7.16
CA HIS B 319 -18.81 -1.96 -6.47
C HIS B 319 -19.23 -3.44 -6.38
N LEU B 320 -18.41 -4.36 -6.88
CA LEU B 320 -18.70 -5.79 -6.81
C LEU B 320 -17.53 -6.45 -6.11
N ARG B 321 -17.65 -6.57 -4.80
CA ARG B 321 -16.53 -6.96 -3.96
C ARG B 321 -16.70 -8.38 -3.41
N CYS B 322 -15.66 -8.89 -2.76
CA CYS B 322 -15.74 -10.15 -2.06
C CYS B 322 -14.94 -10.07 -0.77
N ILE B 323 -15.51 -10.61 0.30
CA ILE B 323 -14.83 -10.62 1.59
C ILE B 323 -13.80 -11.74 1.69
N LYS B 324 -12.78 -11.49 2.50
CA LYS B 324 -11.67 -12.39 2.73
C LYS B 324 -11.29 -12.27 4.20
N VAL B 325 -10.44 -13.18 4.65
CA VAL B 325 -9.97 -13.17 6.03
C VAL B 325 -8.52 -13.64 6.09
N THR B 326 -7.78 -13.09 7.05
CA THR B 326 -6.42 -13.54 7.32
C THR B 326 -6.08 -13.33 8.80
N GLU B 327 -5.10 -14.06 9.28
CA GLU B 327 -4.70 -13.95 10.68
C GLU B 327 -4.00 -12.60 10.92
N LEU B 328 -4.32 -11.98 12.05
CA LEU B 328 -3.71 -10.71 12.45
C LEU B 328 -2.86 -10.97 13.69
N THR B 329 -1.73 -10.27 13.79
CA THR B 329 -0.75 -10.50 14.86
C THR B 329 -0.50 -9.20 15.62
N HIS B 330 -0.76 -9.25 16.93
CA HIS B 330 -0.31 -8.21 17.85
C HIS B 330 1.07 -8.57 18.32
N ASN B 331 2.01 -7.65 18.18
CA ASN B 331 3.38 -7.85 18.66
C ASN B 331 3.47 -7.61 20.17
N ALA B 332 4.62 -7.96 20.74
CA ALA B 332 4.87 -7.81 22.18
C ALA B 332 4.74 -6.37 22.67
N ASP B 333 5.19 -5.41 21.85
CA ASP B 333 5.07 -3.99 22.17
C ASP B 333 3.68 -3.38 21.91
N GLY B 334 2.68 -4.22 21.61
CA GLY B 334 1.31 -3.76 21.39
C GLY B 334 0.98 -3.30 19.99
N THR B 335 1.97 -3.19 19.10
CA THR B 335 1.70 -2.82 17.71
C THR B 335 1.13 -4.02 16.98
N ILE B 336 0.48 -3.75 15.86
CA ILE B 336 -0.08 -4.79 14.99
C ILE B 336 0.82 -4.87 13.75
N GLU B 337 1.15 -6.09 13.32
CA GLU B 337 1.97 -6.28 12.12
C GLU B 337 1.16 -5.95 10.88
N THR B 338 1.74 -5.15 10.00
CA THR B 338 1.06 -4.73 8.78
C THR B 338 0.89 -5.90 7.83
N ILE B 339 -0.31 -6.01 7.26
CA ILE B 339 -0.64 -7.04 6.30
C ILE B 339 -0.67 -6.42 4.90
N SER B 340 0.03 -7.06 3.97
CA SER B 340 -0.06 -6.70 2.55
C SER B 340 -0.82 -7.82 1.89
N PRO B 341 -1.96 -7.51 1.26
CA PRO B 341 -2.91 -8.55 0.84
C PRO B 341 -2.43 -9.60 -0.17
N TYR B 342 -1.48 -9.25 -1.04
CA TYR B 342 -1.10 -10.13 -2.17
C TYR B 342 0.38 -10.53 -2.16
N ILE B 343 0.90 -10.72 -0.95
CA ILE B 343 2.28 -11.16 -0.75
C ILE B 343 2.27 -12.40 0.14
N GLU B 344 2.49 -13.56 -0.47
CA GLU B 344 2.88 -14.80 0.24
C GLU B 344 3.31 -15.88 -0.75
NA NA C . 16.97 1.54 -10.03
NA NA D . 0.99 10.58 -1.08
O5 FUB E . 15.39 -8.34 -8.49
C5 FUB E . 16.65 -8.64 -7.92
C4 FUB E . 16.78 -7.73 -6.73
O4 FUB E . 15.55 -7.73 -5.99
C3 FUB E . 17.09 -6.33 -7.17
O3 FUB E . 18.53 -6.14 -7.21
C2 FUB E . 16.32 -5.60 -6.09
O2 FUB E . 16.08 -4.23 -6.33
C1 FUB E . 15.05 -6.43 -5.85
O1 FUB E . 13.90 -6.14 -6.73
C1 ARA F . 15.44 -10.26 -0.48
C2 ARA F . 16.91 -9.91 -0.57
C3 ARA F . 17.15 -8.55 -1.22
C4 ARA F . 16.37 -8.44 -2.53
C5 ARA F . 14.90 -8.78 -2.28
O1 ARA F . 15.34 -11.60 -0.02
O2 ARA F . 17.45 -9.86 0.76
O3 ARA F . 18.55 -8.43 -1.46
O4 ARA F . 16.90 -9.35 -3.49
O5 ARA F . 14.81 -10.10 -1.76
C ACT G . 20.85 9.89 -26.32
O ACT G . 19.81 10.18 -26.95
OXT ACT G . 21.62 8.96 -26.68
CH3 ACT G . 21.21 10.70 -25.11
NA NA H . -17.02 -1.26 10.57
NA NA I . 3.61 -1.61 10.65
O5 FUB J . -19.42 -0.29 0.77
C5 FUB J . -20.37 0.68 1.13
C4 FUB J . -19.56 1.80 1.69
O4 FUB J . -18.29 1.84 1.02
C3 FUB J . -19.32 1.63 3.17
O3 FUB J . -20.35 2.34 3.91
C2 FUB J . -17.92 2.18 3.25
O2 FUB J . -17.22 1.77 4.41
C1 FUB J . -17.21 1.80 1.93
O1 FUB J . -16.50 0.50 1.87
C1 ARA K . -16.69 6.92 -2.14
C2 ARA K . -17.76 7.52 -1.24
C3 ARA K . -17.67 6.99 0.18
C4 ARA K . -17.54 5.46 0.19
C5 ARA K . -16.44 4.99 -0.77
O1 ARA K . -16.94 7.34 -3.48
O2 ARA K . -17.57 8.94 -1.16
O3 ARA K . -18.83 7.43 0.92
O4 ARA K . -18.77 4.87 -0.18
O5 ARA K . -16.73 5.49 -2.08
#